data_1MZC
#
_entry.id   1MZC
#
_cell.length_a   178.385
_cell.length_b   178.385
_cell.length_c   64.579
_cell.angle_alpha   90.00
_cell.angle_beta   90.00
_cell.angle_gamma   120.00
#
_symmetry.space_group_name_H-M   'P 61'
#
loop_
_entity.id
_entity.type
_entity.pdbx_description
1 polymer 'Protein Farnesyltransferase alpha Subunit'
2 polymer 'Protein Farnesyltransferase beta Subunit'
3 branched beta-D-fructofuranose-(2-1)-alpha-D-glucopyranose
4 non-polymer 'ZINC ION'
5 non-polymer 'FARNESYL DIPHOSPHATE'
6 non-polymer 2-[3-(3-ETHYL-1-METHYL-2-OXO-AZEPAN-3-YL)-PHENOXY]-4-[1-AMINO-1-(1-METHYL-1H-IMIDIZOL-5-YL)-ETHYL]-BENZONITRILE
7 water water
#
loop_
_entity_poly.entity_id
_entity_poly.type
_entity_poly.pdbx_seq_one_letter_code
_entity_poly.pdbx_strand_id
1 'polypeptide(L)'
;MAATEGVGEAAQGGEPGQPAQPPPQPHPPPPQQQHKEEMAAEAGEAVASPMDDGFVSLDSPSYVLYRDRAEWADIDPVPQ
NDGPNPVVQIIYSDKFRDVYDYFRAVLQRDERSERAFKLTRDAIELNAANYTVWHFRRVLLKSLQKDLHEEMNYITAIIE
EQPKNYQVWHHRRVLVEWLRDPSQELEFIADILNQDAKNYHAWQHRQWVIQEFKLWDNELQYVDQLLKEDVRNNSVWNQR
YFVISNTTGYNDRAVLEREVQYTLEMIKLVPHNESAWNYLKGILQDRGLSKYPNLLNQLLDLQPSHSSPYLIAFLVDIYE
DMLENQCDNKEDILNKALELCEILAKEKDTIRKEYWRYIGRSLQSKHSTENDSPTNVQQEEF
;
A
2 'polypeptide(L)'
;MASPSSFTYYCPPSSSPVWSEPLYSLRPEHARERLQDDSVETVTSIEQAKVEEKIQEVFSSYKFNHLVPRLVLQREKHFH
YLKRGLRQLTDAYECLDASRPWLCYWILHSLELLDEPIPQIVATDVCQFLELCQSPEGGFGGGPGQYPHLAPTYAAVNAL
CIIGTEEAYDIINREKLLQYLYSLKQPDGSFLMHVGGEVDVRSAYCAASVASLTNIITPDLFEGTAEWIARCQNWEGGIG
GVPGMEAHGGYTFCGLAALVILKRERSLNLKSLLQWVTSRQMRFEGGFQGRCNKLVDGCYSFWQAGLLPLLHRALHAQGD
PALSMSHWMFHQQALQEYILMCCQCPAGGLLDKPGKSRDFYHTCYCLSGLSIAQHFGSGAMLHDVVLGVPENALQPTHPV
YNIGPDKVIQATTYFLQKPVPGFEELKDETSAEPATD
;
B
#
loop_
_chem_comp.id
_chem_comp.type
_chem_comp.name
_chem_comp.formula
BNE non-polymer 2-[3-(3-ETHYL-1-METHYL-2-OXO-AZEPAN-3-YL)-PHENOXY]-4-[1-AMINO-1-(1-METHYL-1H-IMIDIZOL-5-YL)-ETHYL]-BENZONITRILE 'C28 H33 N5 O2'
FPP non-polymer 'FARNESYL DIPHOSPHATE' 'C15 H28 O7 P2'
FRU D-saccharide, beta linking beta-D-fructofuranose 'C6 H12 O6'
GLC D-saccharide, alpha linking alpha-D-glucopyranose 'C6 H12 O6'
ZN non-polymer 'ZINC ION' 'Zn 2'
#
# COMPACT_ATOMS: atom_id res chain seq x y z
N PHE A 55 -5.50 -35.87 8.69
CA PHE A 55 -5.16 -37.29 8.38
C PHE A 55 -3.82 -37.41 7.66
N VAL A 56 -3.76 -36.89 6.43
CA VAL A 56 -2.53 -36.95 5.65
C VAL A 56 -2.28 -35.62 4.94
N SER A 57 -1.07 -35.10 5.12
CA SER A 57 -0.65 -33.83 4.51
C SER A 57 -0.25 -34.00 3.05
N LEU A 58 -0.24 -32.88 2.33
CA LEU A 58 0.12 -32.87 0.91
C LEU A 58 1.54 -33.34 0.63
N ASP A 59 2.41 -33.24 1.63
CA ASP A 59 3.80 -33.64 1.47
C ASP A 59 4.09 -35.00 2.11
N SER A 60 3.10 -35.58 2.77
CA SER A 60 3.27 -36.87 3.42
C SER A 60 3.58 -37.98 2.41
N PRO A 61 4.47 -38.93 2.77
CA PRO A 61 4.81 -40.02 1.86
C PRO A 61 3.62 -40.86 1.42
N SER A 62 2.62 -41.00 2.28
CA SER A 62 1.44 -41.80 1.95
C SER A 62 0.26 -41.00 1.39
N TYR A 63 0.48 -39.75 1.04
CA TYR A 63 -0.59 -38.92 0.49
C TYR A 63 -1.09 -39.53 -0.82
N VAL A 64 -2.41 -39.51 -1.02
CA VAL A 64 -3.02 -40.06 -2.21
C VAL A 64 -3.90 -39.00 -2.87
N LEU A 65 -3.80 -38.86 -4.20
CA LEU A 65 -4.61 -37.89 -4.92
C LEU A 65 -6.09 -38.22 -4.72
N TYR A 66 -6.91 -37.19 -4.65
CA TYR A 66 -8.34 -37.40 -4.44
C TYR A 66 -8.99 -38.25 -5.53
N ARG A 67 -8.49 -38.16 -6.75
CA ARG A 67 -9.05 -38.95 -7.84
C ARG A 67 -8.80 -40.45 -7.64
N ASP A 68 -7.92 -40.78 -6.70
CA ASP A 68 -7.60 -42.17 -6.39
C ASP A 68 -8.15 -42.65 -5.06
N ARG A 69 -8.88 -41.78 -4.35
CA ARG A 69 -9.43 -42.14 -3.06
C ARG A 69 -10.82 -42.76 -3.18
N ALA A 70 -10.97 -43.97 -2.65
CA ALA A 70 -12.26 -44.68 -2.73
C ALA A 70 -13.38 -43.91 -2.06
N GLU A 71 -13.09 -43.21 -0.97
CA GLU A 71 -14.12 -42.44 -0.27
C GLU A 71 -14.59 -41.23 -1.06
N TRP A 72 -13.95 -40.98 -2.20
CA TRP A 72 -14.32 -39.85 -3.05
C TRP A 72 -14.79 -40.28 -4.43
N ALA A 73 -14.87 -41.59 -4.65
CA ALA A 73 -15.27 -42.13 -5.95
C ALA A 73 -16.70 -41.79 -6.39
N ASP A 74 -17.58 -41.55 -5.43
CA ASP A 74 -18.98 -41.23 -5.73
C ASP A 74 -19.25 -39.84 -6.29
N ILE A 75 -18.25 -38.96 -6.25
CA ILE A 75 -18.44 -37.61 -6.77
C ILE A 75 -17.44 -37.30 -7.89
N ASP A 76 -17.95 -36.71 -8.97
CA ASP A 76 -17.12 -36.37 -10.13
C ASP A 76 -16.44 -35.03 -9.93
N PRO A 77 -15.13 -34.96 -10.24
CA PRO A 77 -14.40 -33.70 -10.09
C PRO A 77 -14.87 -32.68 -11.12
N VAL A 78 -14.75 -31.40 -10.80
CA VAL A 78 -15.18 -30.36 -11.72
C VAL A 78 -13.97 -29.54 -12.17
N PRO A 79 -13.53 -29.75 -13.42
CA PRO A 79 -12.37 -29.01 -13.92
C PRO A 79 -12.66 -27.52 -14.06
N GLN A 80 -11.60 -26.73 -13.97
CA GLN A 80 -11.73 -25.29 -14.11
C GLN A 80 -11.80 -24.96 -15.59
N ASN A 81 -12.82 -24.21 -16.00
CA ASN A 81 -12.94 -23.83 -17.40
C ASN A 81 -12.35 -22.45 -17.64
N ASP A 82 -11.19 -22.41 -18.30
CA ASP A 82 -10.51 -21.17 -18.60
C ASP A 82 -10.84 -20.66 -20.00
N GLY A 83 -11.74 -21.35 -20.68
CA GLY A 83 -12.12 -20.96 -22.02
C GLY A 83 -11.24 -21.61 -23.07
N PRO A 84 -11.61 -21.50 -24.37
CA PRO A 84 -10.85 -22.09 -25.48
C PRO A 84 -9.45 -21.50 -25.70
N ASN A 85 -9.30 -20.19 -25.48
CA ASN A 85 -8.01 -19.53 -25.66
C ASN A 85 -7.60 -18.82 -24.37
N PRO A 86 -7.10 -19.59 -23.40
CA PRO A 86 -6.66 -19.11 -22.08
C PRO A 86 -5.62 -17.99 -22.05
N VAL A 87 -5.69 -17.19 -20.99
CA VAL A 87 -4.76 -16.11 -20.75
C VAL A 87 -4.32 -16.28 -19.30
N VAL A 88 -3.15 -15.76 -18.95
CA VAL A 88 -2.60 -15.89 -17.61
C VAL A 88 -2.91 -17.29 -17.06
N GLN A 89 -2.72 -18.29 -17.92
CA GLN A 89 -2.98 -19.67 -17.58
C GLN A 89 -1.84 -20.28 -16.77
N ILE A 90 -2.15 -20.68 -15.54
CA ILE A 90 -1.16 -21.26 -14.65
C ILE A 90 -1.06 -22.77 -14.89
N ILE A 91 0.14 -23.24 -15.15
CA ILE A 91 0.36 -24.67 -15.39
C ILE A 91 0.47 -25.34 -14.02
N TYR A 92 -0.69 -25.63 -13.44
CA TYR A 92 -0.78 -26.25 -12.12
C TYR A 92 -0.09 -27.61 -12.01
N SER A 93 0.44 -27.90 -10.82
CA SER A 93 1.06 -29.19 -10.60
C SER A 93 -0.12 -30.16 -10.58
N ASP A 94 0.16 -31.45 -10.70
CA ASP A 94 -0.92 -32.44 -10.71
C ASP A 94 -1.64 -32.46 -9.37
N LYS A 95 -0.89 -32.33 -8.27
CA LYS A 95 -1.50 -32.33 -6.95
C LYS A 95 -2.40 -31.12 -6.72
N PHE A 96 -1.96 -29.95 -7.21
CA PHE A 96 -2.74 -28.73 -7.06
C PHE A 96 -4.08 -28.86 -7.78
N ARG A 97 -4.03 -29.19 -9.07
CA ARG A 97 -5.25 -29.33 -9.86
C ARG A 97 -6.19 -30.39 -9.29
N ASP A 98 -5.63 -31.51 -8.84
CA ASP A 98 -6.43 -32.60 -8.28
C ASP A 98 -7.31 -32.09 -7.15
N VAL A 99 -6.69 -31.42 -6.17
CA VAL A 99 -7.43 -30.90 -5.03
C VAL A 99 -8.49 -29.88 -5.44
N TYR A 100 -8.13 -28.94 -6.32
CA TYR A 100 -9.09 -27.92 -6.71
C TYR A 100 -10.21 -28.42 -7.62
N ASP A 101 -9.97 -29.52 -8.34
CA ASP A 101 -11.01 -30.07 -9.18
C ASP A 101 -12.08 -30.64 -8.24
N TYR A 102 -11.65 -31.23 -7.13
CA TYR A 102 -12.60 -31.77 -6.17
C TYR A 102 -13.20 -30.68 -5.29
N PHE A 103 -12.43 -29.63 -5.04
CA PHE A 103 -12.97 -28.53 -4.24
C PHE A 103 -14.12 -27.91 -5.04
N ARG A 104 -13.89 -27.69 -6.33
CA ARG A 104 -14.92 -27.11 -7.18
C ARG A 104 -16.17 -27.99 -7.18
N ALA A 105 -15.97 -29.30 -7.07
CA ALA A 105 -17.10 -30.23 -7.06
C ALA A 105 -17.93 -30.08 -5.80
N VAL A 106 -17.28 -30.06 -4.63
CA VAL A 106 -18.00 -29.93 -3.38
C VAL A 106 -18.67 -28.56 -3.24
N LEU A 107 -18.01 -27.53 -3.73
CA LEU A 107 -18.54 -26.18 -3.66
C LEU A 107 -19.80 -26.07 -4.52
N GLN A 108 -19.69 -26.53 -5.76
CA GLN A 108 -20.80 -26.49 -6.71
C GLN A 108 -21.97 -27.33 -6.20
N ARG A 109 -21.65 -28.34 -5.42
CA ARG A 109 -22.65 -29.24 -4.85
C ARG A 109 -23.07 -28.75 -3.48
N ASP A 110 -22.33 -27.78 -2.95
CA ASP A 110 -22.59 -27.24 -1.62
C ASP A 110 -22.72 -28.37 -0.62
N GLU A 111 -21.75 -29.29 -0.67
CA GLU A 111 -21.73 -30.44 0.23
C GLU A 111 -21.13 -30.06 1.58
N ARG A 112 -21.97 -30.05 2.62
CA ARG A 112 -21.51 -29.72 3.96
C ARG A 112 -21.15 -31.03 4.63
N SER A 113 -19.97 -31.56 4.31
CA SER A 113 -19.54 -32.83 4.87
C SER A 113 -18.18 -32.77 5.52
N GLU A 114 -17.87 -33.83 6.28
CA GLU A 114 -16.60 -33.94 6.95
C GLU A 114 -15.47 -34.08 5.93
N ARG A 115 -15.72 -34.84 4.86
CA ARG A 115 -14.69 -35.01 3.83
C ARG A 115 -14.40 -33.68 3.15
N ALA A 116 -15.44 -32.89 2.93
CA ALA A 116 -15.26 -31.58 2.31
C ALA A 116 -14.43 -30.69 3.25
N PHE A 117 -14.69 -30.81 4.55
CA PHE A 117 -13.96 -30.04 5.55
C PHE A 117 -12.47 -30.36 5.51
N LYS A 118 -12.13 -31.64 5.49
CA LYS A 118 -10.72 -32.04 5.44
C LYS A 118 -10.09 -31.58 4.13
N LEU A 119 -10.87 -31.56 3.07
CA LEU A 119 -10.38 -31.13 1.75
C LEU A 119 -9.94 -29.67 1.76
N THR A 120 -10.73 -28.81 2.41
CA THR A 120 -10.38 -27.39 2.46
C THR A 120 -9.00 -27.20 3.08
N ARG A 121 -8.63 -28.08 4.00
CA ARG A 121 -7.33 -27.98 4.64
C ARG A 121 -6.22 -28.14 3.61
N ASP A 122 -6.40 -29.07 2.67
CA ASP A 122 -5.40 -29.29 1.64
C ASP A 122 -5.42 -28.15 0.63
N ALA A 123 -6.60 -27.67 0.28
CA ALA A 123 -6.73 -26.57 -0.67
C ALA A 123 -6.01 -25.35 -0.11
N ILE A 124 -6.17 -25.13 1.19
CA ILE A 124 -5.52 -24.01 1.86
C ILE A 124 -4.00 -24.13 1.82
N GLU A 125 -3.48 -25.32 2.10
CA GLU A 125 -2.04 -25.51 2.08
C GLU A 125 -1.47 -25.20 0.70
N LEU A 126 -2.23 -25.57 -0.35
CA LEU A 126 -1.82 -25.32 -1.73
C LEU A 126 -1.86 -23.83 -2.08
N ASN A 127 -2.85 -23.13 -1.55
CA ASN A 127 -2.96 -21.68 -1.78
C ASN A 127 -3.74 -21.05 -0.62
N ALA A 128 -3.03 -20.64 0.40
CA ALA A 128 -3.64 -20.04 1.59
C ALA A 128 -4.28 -18.68 1.30
N ALA A 129 -4.06 -18.14 0.10
CA ALA A 129 -4.65 -16.85 -0.25
C ALA A 129 -6.00 -17.01 -0.95
N ASN A 130 -6.46 -18.25 -1.13
CA ASN A 130 -7.74 -18.47 -1.78
C ASN A 130 -8.86 -18.21 -0.79
N TYR A 131 -9.41 -17.00 -0.85
CA TYR A 131 -10.47 -16.57 0.05
C TYR A 131 -11.77 -17.36 -0.08
N THR A 132 -12.01 -17.92 -1.26
CA THR A 132 -13.21 -18.70 -1.48
C THR A 132 -13.17 -19.98 -0.64
N VAL A 133 -12.01 -20.62 -0.58
CA VAL A 133 -11.86 -21.84 0.21
C VAL A 133 -12.08 -21.54 1.69
N TRP A 134 -11.44 -20.49 2.18
CA TRP A 134 -11.58 -20.09 3.58
C TRP A 134 -13.04 -19.82 3.94
N HIS A 135 -13.76 -19.17 3.04
CA HIS A 135 -15.16 -18.87 3.27
C HIS A 135 -15.96 -20.16 3.43
N PHE A 136 -15.73 -21.11 2.53
CA PHE A 136 -16.44 -22.38 2.58
C PHE A 136 -16.06 -23.14 3.85
N ARG A 137 -14.80 -23.05 4.25
CA ARG A 137 -14.36 -23.75 5.46
C ARG A 137 -15.14 -23.22 6.67
N ARG A 138 -15.38 -21.92 6.70
CA ARG A 138 -16.13 -21.33 7.81
C ARG A 138 -17.60 -21.77 7.78
N VAL A 139 -18.13 -21.95 6.57
CA VAL A 139 -19.51 -22.40 6.42
C VAL A 139 -19.60 -23.83 6.98
N LEU A 140 -18.56 -24.62 6.75
CA LEU A 140 -18.50 -26.00 7.21
C LEU A 140 -18.31 -26.08 8.73
N LEU A 141 -17.47 -25.19 9.28
CA LEU A 141 -17.25 -25.17 10.72
C LEU A 141 -18.58 -25.03 11.44
N LYS A 142 -19.44 -24.18 10.89
CA LYS A 142 -20.76 -23.93 11.47
C LYS A 142 -21.69 -25.12 11.24
N SER A 143 -21.88 -25.49 9.97
CA SER A 143 -22.74 -26.61 9.62
C SER A 143 -22.42 -27.89 10.38
N LEU A 144 -21.14 -28.25 10.42
CA LEU A 144 -20.71 -29.47 11.09
C LEU A 144 -20.52 -29.28 12.60
N GLN A 145 -20.75 -28.06 13.08
CA GLN A 145 -20.58 -27.76 14.50
C GLN A 145 -19.22 -28.25 14.99
N LYS A 146 -18.18 -27.90 14.25
CA LYS A 146 -16.81 -28.30 14.58
C LYS A 146 -16.29 -27.65 15.86
N ASP A 147 -15.37 -28.34 16.54
CA ASP A 147 -14.77 -27.82 17.77
C ASP A 147 -13.93 -26.60 17.39
N LEU A 148 -14.34 -25.42 17.87
CA LEU A 148 -13.63 -24.19 17.54
C LEU A 148 -12.27 -24.03 18.21
N HIS A 149 -12.07 -24.68 19.35
CA HIS A 149 -10.77 -24.59 20.03
C HIS A 149 -9.77 -25.40 19.22
N GLU A 150 -10.28 -26.43 18.54
CA GLU A 150 -9.42 -27.27 17.71
C GLU A 150 -9.02 -26.44 16.48
N GLU A 151 -9.98 -25.69 15.94
CA GLU A 151 -9.72 -24.85 14.76
C GLU A 151 -8.71 -23.76 15.13
N MET A 152 -8.78 -23.29 16.38
CA MET A 152 -7.86 -22.25 16.85
C MET A 152 -6.43 -22.78 16.84
N ASN A 153 -6.26 -24.04 17.24
CA ASN A 153 -4.93 -24.65 17.26
C ASN A 153 -4.45 -24.73 15.82
N TYR A 154 -5.39 -25.01 14.91
CA TYR A 154 -5.07 -25.10 13.49
C TYR A 154 -4.62 -23.76 12.91
N ILE A 155 -5.41 -22.71 13.16
CA ILE A 155 -5.08 -21.39 12.62
C ILE A 155 -3.77 -20.87 13.22
N THR A 156 -3.50 -21.25 14.46
CA THR A 156 -2.28 -20.86 15.14
C THR A 156 -1.06 -21.35 14.35
N ALA A 157 -1.09 -22.63 13.99
CA ALA A 157 0.01 -23.23 13.24
C ALA A 157 0.13 -22.60 11.85
N ILE A 158 -1.01 -22.35 11.22
CA ILE A 158 -1.03 -21.77 9.88
C ILE A 158 -0.42 -20.37 9.86
N ILE A 159 -0.84 -19.52 10.77
CA ILE A 159 -0.32 -18.16 10.83
C ILE A 159 1.19 -18.15 11.09
N GLU A 160 1.66 -19.06 11.95
CA GLU A 160 3.09 -19.15 12.25
C GLU A 160 3.86 -19.42 10.95
N GLU A 161 3.28 -20.23 10.07
CA GLU A 161 3.92 -20.57 8.79
C GLU A 161 3.77 -19.46 7.75
N GLN A 162 2.63 -18.80 7.73
CA GLN A 162 2.37 -17.73 6.76
C GLN A 162 1.75 -16.52 7.46
N PRO A 163 2.56 -15.76 8.23
CA PRO A 163 2.12 -14.58 8.96
C PRO A 163 1.76 -13.35 8.12
N LYS A 164 2.21 -13.33 6.87
CA LYS A 164 1.91 -12.20 5.97
C LYS A 164 0.85 -12.64 4.96
N ASN A 165 -0.34 -12.91 5.47
CA ASN A 165 -1.46 -13.36 4.65
C ASN A 165 -2.72 -12.81 5.31
N TYR A 166 -3.60 -12.17 4.53
CA TYR A 166 -4.83 -11.58 5.04
C TYR A 166 -5.86 -12.60 5.51
N GLN A 167 -6.04 -13.68 4.76
CA GLN A 167 -7.05 -14.67 5.13
C GLN A 167 -6.85 -15.37 6.46
N VAL A 168 -5.61 -15.72 6.81
CA VAL A 168 -5.37 -16.42 8.06
C VAL A 168 -5.69 -15.56 9.29
N TRP A 169 -5.35 -14.27 9.23
CA TRP A 169 -5.64 -13.41 10.35
C TRP A 169 -7.13 -13.14 10.47
N HIS A 170 -7.82 -13.00 9.34
CA HIS A 170 -9.26 -12.75 9.39
C HIS A 170 -9.97 -13.99 9.97
N HIS A 171 -9.53 -15.17 9.54
CA HIS A 171 -10.11 -16.41 10.03
C HIS A 171 -9.98 -16.47 11.56
N ARG A 172 -8.78 -16.17 12.06
CA ARG A 172 -8.56 -16.19 13.50
C ARG A 172 -9.47 -15.19 14.21
N ARG A 173 -9.64 -14.00 13.64
CA ARG A 173 -10.52 -13.02 14.27
C ARG A 173 -11.95 -13.55 14.36
N VAL A 174 -12.42 -14.19 13.29
CA VAL A 174 -13.78 -14.73 13.28
C VAL A 174 -13.96 -15.76 14.40
N LEU A 175 -12.95 -16.63 14.58
CA LEU A 175 -12.99 -17.64 15.62
C LEU A 175 -13.05 -17.00 17.01
N VAL A 176 -12.19 -16.03 17.26
CA VAL A 176 -12.18 -15.35 18.56
C VAL A 176 -13.54 -14.71 18.80
N GLU A 177 -14.13 -14.16 17.75
CA GLU A 177 -15.45 -13.55 17.85
C GLU A 177 -16.52 -14.59 18.18
N TRP A 178 -16.48 -15.71 17.47
CA TRP A 178 -17.47 -16.78 17.71
C TRP A 178 -17.36 -17.33 19.12
N LEU A 179 -16.14 -17.44 19.62
CA LEU A 179 -15.90 -17.97 20.95
C LEU A 179 -15.97 -16.91 22.04
N ARG A 180 -15.80 -15.65 21.65
CA ARG A 180 -15.80 -14.58 22.64
C ARG A 180 -14.71 -14.90 23.66
N ASP A 181 -13.65 -15.54 23.17
CA ASP A 181 -12.52 -15.95 24.00
C ASP A 181 -11.18 -15.41 23.49
N PRO A 182 -10.66 -14.35 24.14
CA PRO A 182 -9.40 -13.72 23.76
C PRO A 182 -8.21 -14.14 24.60
N SER A 183 -8.40 -15.11 25.49
CA SER A 183 -7.34 -15.57 26.39
C SER A 183 -5.98 -15.95 25.81
N GLN A 184 -5.96 -16.40 24.55
CA GLN A 184 -4.70 -16.79 23.92
C GLN A 184 -4.08 -15.73 22.99
N GLU A 185 -4.86 -14.70 22.70
CA GLU A 185 -4.43 -13.66 21.76
C GLU A 185 -3.14 -12.88 22.01
N LEU A 186 -3.04 -12.17 23.13
CA LEU A 186 -1.85 -11.38 23.40
C LEU A 186 -0.56 -12.17 23.38
N GLU A 187 -0.59 -13.40 23.91
CA GLU A 187 0.61 -14.23 23.93
C GLU A 187 0.94 -14.76 22.53
N PHE A 188 -0.07 -15.12 21.77
CA PHE A 188 0.14 -15.62 20.41
C PHE A 188 0.71 -14.49 19.55
N ILE A 189 0.08 -13.33 19.60
CA ILE A 189 0.54 -12.19 18.82
C ILE A 189 2.00 -11.87 19.20
N ALA A 190 2.29 -11.86 20.49
CA ALA A 190 3.62 -11.58 20.98
C ALA A 190 4.65 -12.52 20.35
N ASP A 191 4.27 -13.77 20.13
CA ASP A 191 5.20 -14.73 19.52
C ASP A 191 5.46 -14.38 18.07
N ILE A 192 4.40 -14.00 17.35
CA ILE A 192 4.55 -13.62 15.94
C ILE A 192 5.45 -12.40 15.86
N LEU A 193 5.18 -11.41 16.69
CA LEU A 193 5.97 -10.18 16.71
C LEU A 193 7.40 -10.41 17.15
N ASN A 194 7.64 -11.52 17.85
CA ASN A 194 8.99 -11.84 18.30
C ASN A 194 9.81 -12.27 17.09
N GLN A 195 9.11 -12.72 16.04
CA GLN A 195 9.78 -13.16 14.81
C GLN A 195 9.87 -12.00 13.80
N ASP A 196 8.87 -11.14 13.82
CA ASP A 196 8.83 -9.96 12.94
C ASP A 196 8.10 -8.88 13.73
N ALA A 197 8.87 -8.01 14.37
CA ALA A 197 8.33 -6.96 15.22
C ALA A 197 7.49 -5.90 14.52
N LYS A 198 7.39 -5.99 13.19
CA LYS A 198 6.63 -5.00 12.44
C LYS A 198 5.47 -5.58 11.60
N ASN A 199 5.21 -6.87 11.76
CA ASN A 199 4.13 -7.51 11.00
C ASN A 199 2.86 -6.67 11.13
N TYR A 200 2.41 -6.10 10.01
CA TYR A 200 1.23 -5.25 10.00
C TYR A 200 -0.03 -5.97 10.49
N HIS A 201 -0.30 -7.16 9.97
CA HIS A 201 -1.49 -7.93 10.37
C HIS A 201 -1.49 -8.22 11.87
N ALA A 202 -0.31 -8.57 12.39
CA ALA A 202 -0.18 -8.89 13.81
C ALA A 202 -0.58 -7.69 14.67
N TRP A 203 -0.07 -6.51 14.32
CA TRP A 203 -0.40 -5.31 15.08
C TRP A 203 -1.87 -4.94 14.94
N GLN A 204 -2.45 -5.17 13.76
CA GLN A 204 -3.85 -4.83 13.55
C GLN A 204 -4.74 -5.74 14.39
N HIS A 205 -4.37 -7.02 14.46
CA HIS A 205 -5.14 -7.98 15.23
C HIS A 205 -5.00 -7.67 16.72
N ARG A 206 -3.81 -7.23 17.12
CA ARG A 206 -3.57 -6.90 18.51
C ARG A 206 -4.44 -5.71 18.95
N GLN A 207 -4.54 -4.69 18.09
CA GLN A 207 -5.36 -3.53 18.43
C GLN A 207 -6.83 -3.90 18.54
N TRP A 208 -7.30 -4.74 17.62
CA TRP A 208 -8.69 -5.17 17.63
C TRP A 208 -9.03 -5.92 18.92
N VAL A 209 -8.20 -6.90 19.26
CA VAL A 209 -8.43 -7.71 20.47
C VAL A 209 -8.45 -6.84 21.73
N ILE A 210 -7.45 -5.97 21.86
CA ILE A 210 -7.35 -5.11 23.03
C ILE A 210 -8.57 -4.20 23.14
N GLN A 211 -8.98 -3.63 22.02
CA GLN A 211 -10.12 -2.73 22.01
C GLN A 211 -11.46 -3.45 22.20
N GLU A 212 -11.63 -4.58 21.52
CA GLU A 212 -12.88 -5.33 21.63
C GLU A 212 -13.09 -5.97 23.00
N PHE A 213 -12.02 -6.46 23.61
CA PHE A 213 -12.13 -7.11 24.92
C PHE A 213 -11.55 -6.32 26.09
N LYS A 214 -11.25 -5.04 25.85
CA LYS A 214 -10.72 -4.16 26.88
C LYS A 214 -9.52 -4.73 27.63
N LEU A 215 -8.45 -5.06 26.90
CA LEU A 215 -7.25 -5.60 27.52
C LEU A 215 -6.12 -4.58 27.46
N TRP A 216 -6.34 -3.42 28.06
CA TRP A 216 -5.36 -2.33 28.05
C TRP A 216 -4.31 -2.36 29.16
N ASP A 217 -4.66 -3.02 30.26
CA ASP A 217 -3.79 -3.08 31.44
C ASP A 217 -2.28 -3.22 31.30
N ASN A 218 -1.82 -4.09 30.41
CA ASN A 218 -0.38 -4.31 30.27
C ASN A 218 0.24 -3.94 28.94
N GLU A 219 -0.52 -3.25 28.08
CA GLU A 219 0.03 -2.92 26.77
C GLU A 219 1.11 -1.85 26.76
N LEU A 220 1.01 -0.83 27.62
CA LEU A 220 2.03 0.21 27.65
C LEU A 220 3.36 -0.41 28.09
N GLN A 221 3.27 -1.39 28.98
CA GLN A 221 4.45 -2.09 29.48
C GLN A 221 5.05 -2.89 28.32
N TYR A 222 4.19 -3.45 27.47
CA TYR A 222 4.63 -4.23 26.31
C TYR A 222 5.31 -3.29 25.31
N VAL A 223 4.73 -2.10 25.14
CA VAL A 223 5.27 -1.10 24.22
C VAL A 223 6.67 -0.70 24.67
N ASP A 224 6.84 -0.42 25.96
CA ASP A 224 8.14 -0.02 26.48
C ASP A 224 9.21 -1.09 26.27
N GLN A 225 8.81 -2.35 26.38
CA GLN A 225 9.78 -3.42 26.19
C GLN A 225 10.26 -3.50 24.74
N LEU A 226 9.33 -3.36 23.80
CA LEU A 226 9.69 -3.42 22.38
C LEU A 226 10.49 -2.19 21.96
N LEU A 227 10.25 -1.04 22.59
CA LEU A 227 11.00 0.17 22.26
C LEU A 227 12.42 0.05 22.79
N LYS A 228 12.59 -0.74 23.84
CA LYS A 228 13.90 -0.97 24.42
C LYS A 228 14.68 -1.84 23.44
N GLU A 229 14.00 -2.81 22.85
CA GLU A 229 14.62 -3.71 21.88
C GLU A 229 14.99 -2.99 20.58
N ASP A 230 14.09 -2.15 20.09
CA ASP A 230 14.35 -1.37 18.87
C ASP A 230 13.54 -0.09 18.96
N VAL A 231 14.21 0.98 19.39
CA VAL A 231 13.58 2.28 19.55
C VAL A 231 13.16 2.87 18.20
N ARG A 232 13.59 2.25 17.11
CA ARG A 232 13.26 2.73 15.77
C ARG A 232 12.03 2.00 15.21
N ASN A 233 11.40 1.13 15.99
CA ASN A 233 10.25 0.38 15.52
C ASN A 233 9.01 1.27 15.48
N ASN A 234 8.72 1.81 14.30
CA ASN A 234 7.59 2.69 14.12
C ASN A 234 6.23 2.06 14.48
N SER A 235 6.12 0.75 14.32
CA SER A 235 4.88 0.06 14.67
C SER A 235 4.60 0.16 16.17
N VAL A 236 5.67 0.21 16.95
CA VAL A 236 5.54 0.30 18.41
C VAL A 236 5.16 1.71 18.85
N TRP A 237 5.71 2.72 18.19
CA TRP A 237 5.35 4.10 18.54
C TRP A 237 3.89 4.31 18.20
N ASN A 238 3.43 3.66 17.13
CA ASN A 238 2.03 3.78 16.74
C ASN A 238 1.17 3.15 17.83
N GLN A 239 1.61 2.01 18.35
CA GLN A 239 0.88 1.31 19.40
C GLN A 239 0.86 2.17 20.66
N ARG A 240 1.96 2.90 20.91
CA ARG A 240 2.03 3.75 22.08
C ARG A 240 0.91 4.78 22.03
N TYR A 241 0.77 5.45 20.88
CA TYR A 241 -0.28 6.45 20.71
C TYR A 241 -1.65 5.78 20.86
N PHE A 242 -1.77 4.60 20.26
CA PHE A 242 -3.00 3.84 20.33
C PHE A 242 -3.44 3.61 21.77
N VAL A 243 -2.51 3.12 22.60
CA VAL A 243 -2.80 2.83 24.00
C VAL A 243 -3.16 4.07 24.83
N ILE A 244 -2.31 5.09 24.79
CA ILE A 244 -2.55 6.29 25.58
C ILE A 244 -3.82 7.05 25.16
N SER A 245 -4.01 7.23 23.85
CA SER A 245 -5.20 7.94 23.37
C SER A 245 -6.49 7.23 23.78
N ASN A 246 -6.43 5.92 23.94
CA ASN A 246 -7.62 5.15 24.32
C ASN A 246 -7.79 4.88 25.80
N THR A 247 -6.78 5.21 26.60
CA THR A 247 -6.86 4.99 28.04
C THR A 247 -6.97 6.34 28.77
N THR A 248 -5.84 6.96 29.07
CA THR A 248 -5.83 8.25 29.77
C THR A 248 -6.11 9.42 28.83
N GLY A 249 -5.68 9.28 27.58
CA GLY A 249 -5.86 10.36 26.63
C GLY A 249 -4.66 11.28 26.81
N TYR A 250 -4.51 12.28 25.94
CA TYR A 250 -3.39 13.21 26.04
C TYR A 250 -3.77 14.56 26.64
N ASN A 251 -5.03 14.70 27.06
CA ASN A 251 -5.48 15.96 27.64
C ASN A 251 -4.95 16.15 29.06
N ASP A 252 -4.70 15.04 29.75
CA ASP A 252 -4.14 15.10 31.09
C ASP A 252 -2.74 15.67 30.90
N ARG A 253 -2.53 16.90 31.36
CA ARG A 253 -1.23 17.54 31.20
C ARG A 253 -0.08 16.78 31.82
N ALA A 254 -0.35 16.03 32.88
CA ALA A 254 0.71 15.25 33.52
C ALA A 254 1.13 14.12 32.57
N VAL A 255 0.15 13.54 31.89
CA VAL A 255 0.42 12.46 30.95
C VAL A 255 1.17 13.02 29.74
N LEU A 256 0.75 14.18 29.26
CA LEU A 256 1.42 14.78 28.11
C LEU A 256 2.88 15.10 28.44
N GLU A 257 3.11 15.69 29.61
CA GLU A 257 4.46 16.04 30.04
C GLU A 257 5.32 14.78 30.11
N ARG A 258 4.75 13.71 30.65
CA ARG A 258 5.46 12.43 30.75
C ARG A 258 5.87 11.96 29.36
N GLU A 259 4.93 12.07 28.42
CA GLU A 259 5.19 11.63 27.05
C GLU A 259 6.21 12.51 26.32
N VAL A 260 6.11 13.82 26.49
CA VAL A 260 7.06 14.72 25.86
C VAL A 260 8.47 14.48 26.42
N GLN A 261 8.56 14.27 27.73
CA GLN A 261 9.85 14.01 28.37
C GLN A 261 10.43 12.70 27.86
N TYR A 262 9.60 11.67 27.85
CA TYR A 262 10.02 10.35 27.38
C TYR A 262 10.57 10.44 25.96
N THR A 263 9.82 11.08 25.08
CA THR A 263 10.22 11.23 23.69
C THR A 263 11.51 12.03 23.51
N LEU A 264 11.64 13.13 24.25
CA LEU A 264 12.85 13.95 24.15
C LEU A 264 14.08 13.15 24.58
N GLU A 265 13.91 12.30 25.59
CA GLU A 265 15.03 11.49 26.05
C GLU A 265 15.43 10.50 24.96
N MET A 266 14.43 9.93 24.28
CA MET A 266 14.73 8.98 23.22
C MET A 266 15.45 9.69 22.08
N ILE A 267 15.05 10.93 21.83
CA ILE A 267 15.68 11.73 20.77
C ILE A 267 17.14 12.04 21.10
N LYS A 268 17.43 12.33 22.36
CA LYS A 268 18.80 12.63 22.76
C LYS A 268 19.65 11.37 22.63
N LEU A 269 19.05 10.23 22.87
CA LEU A 269 19.73 8.94 22.77
C LEU A 269 20.02 8.57 21.32
N VAL A 270 19.03 8.75 20.45
CA VAL A 270 19.16 8.44 19.03
C VAL A 270 18.60 9.60 18.21
N PRO A 271 19.39 10.69 18.08
CA PRO A 271 19.06 11.93 17.37
C PRO A 271 18.50 11.77 15.95
N HIS A 272 18.94 10.75 15.23
CA HIS A 272 18.47 10.57 13.86
C HIS A 272 17.37 9.54 13.67
N ASN A 273 16.71 9.15 14.75
CA ASN A 273 15.60 8.21 14.67
C ASN A 273 14.35 9.03 14.39
N GLU A 274 13.83 8.93 13.16
CA GLU A 274 12.65 9.69 12.77
C GLU A 274 11.37 9.39 13.53
N SER A 275 11.17 8.15 13.96
CA SER A 275 9.95 7.78 14.66
C SER A 275 9.68 8.61 15.90
N ALA A 276 10.72 8.82 16.72
CA ALA A 276 10.55 9.61 17.95
C ALA A 276 10.17 11.05 17.60
N TRP A 277 10.82 11.61 16.58
CA TRP A 277 10.50 12.98 16.16
C TRP A 277 9.05 13.07 15.68
N ASN A 278 8.62 12.09 14.90
CA ASN A 278 7.26 12.09 14.39
C ASN A 278 6.25 11.94 15.52
N TYR A 279 6.60 11.16 16.54
CA TYR A 279 5.71 10.97 17.68
C TYR A 279 5.60 12.27 18.47
N LEU A 280 6.72 12.97 18.63
CA LEU A 280 6.72 14.24 19.35
C LEU A 280 5.76 15.21 18.68
N LYS A 281 5.88 15.35 17.37
CA LYS A 281 4.99 16.24 16.64
C LYS A 281 3.55 15.74 16.69
N GLY A 282 3.39 14.43 16.60
CA GLY A 282 2.06 13.83 16.61
C GLY A 282 1.22 14.10 17.84
N ILE A 283 1.83 14.13 19.01
CA ILE A 283 1.10 14.36 20.24
C ILE A 283 0.92 15.84 20.58
N LEU A 284 1.54 16.72 19.79
CA LEU A 284 1.42 18.16 20.03
C LEU A 284 0.75 18.94 18.91
N GLN A 285 0.73 18.36 17.71
CA GLN A 285 0.16 19.05 16.55
C GLN A 285 -1.30 19.51 16.62
N ASP A 286 -2.18 18.73 17.22
CA ASP A 286 -3.58 19.13 17.28
C ASP A 286 -3.80 20.43 18.06
N ARG A 287 -3.09 20.59 19.17
CA ARG A 287 -3.23 21.80 19.96
C ARG A 287 -2.47 22.94 19.28
N GLY A 288 -1.44 22.58 18.53
CA GLY A 288 -0.63 23.58 17.86
C GLY A 288 0.75 23.63 18.47
N LEU A 289 1.77 23.45 17.65
CA LEU A 289 3.15 23.46 18.12
C LEU A 289 3.55 24.76 18.80
N SER A 290 2.92 25.87 18.40
CA SER A 290 3.25 27.16 19.00
C SER A 290 2.68 27.32 20.42
N LYS A 291 1.85 26.38 20.85
CA LYS A 291 1.27 26.45 22.19
C LYS A 291 2.24 25.94 23.26
N TYR A 292 3.41 25.49 22.84
CA TYR A 292 4.40 24.98 23.78
C TYR A 292 5.71 25.77 23.64
N PRO A 293 5.72 27.01 24.14
CA PRO A 293 6.88 27.90 24.09
C PRO A 293 8.22 27.35 24.58
N ASN A 294 8.22 26.56 25.64
CA ASN A 294 9.48 26.02 26.15
C ASN A 294 10.11 25.01 25.20
N LEU A 295 9.30 24.32 24.41
CA LEU A 295 9.82 23.33 23.48
C LEU A 295 10.73 23.97 22.44
N LEU A 296 10.36 25.15 21.95
CA LEU A 296 11.17 25.83 20.97
C LEU A 296 12.57 26.10 21.51
N ASN A 297 12.65 26.61 22.73
CA ASN A 297 13.93 26.91 23.36
C ASN A 297 14.78 25.67 23.58
N GLN A 298 14.18 24.61 24.09
CA GLN A 298 14.94 23.39 24.33
C GLN A 298 15.50 22.83 23.03
N LEU A 299 14.70 22.86 21.97
CA LEU A 299 15.14 22.35 20.68
C LEU A 299 16.22 23.28 20.12
N LEU A 300 16.05 24.58 20.37
CA LEU A 300 16.99 25.59 19.91
C LEU A 300 18.34 25.39 20.58
N ASP A 301 18.33 24.85 21.80
CA ASP A 301 19.57 24.61 22.54
C ASP A 301 20.30 23.40 21.99
N LEU A 302 19.56 22.41 21.53
CA LEU A 302 20.15 21.19 20.97
C LEU A 302 20.64 21.45 19.55
N GLN A 303 20.16 22.55 18.97
CA GLN A 303 20.50 22.95 17.61
C GLN A 303 21.98 22.80 17.26
N PRO A 304 22.87 23.50 17.99
CA PRO A 304 24.31 23.42 17.74
C PRO A 304 24.93 22.02 17.78
N SER A 305 24.38 21.14 18.62
CA SER A 305 24.92 19.79 18.75
C SER A 305 24.07 18.69 18.11
N HIS A 306 23.03 18.26 18.81
CA HIS A 306 22.14 17.20 18.33
C HIS A 306 21.36 17.56 17.06
N SER A 307 21.89 18.50 16.28
CA SER A 307 21.22 18.93 15.05
C SER A 307 20.94 17.77 14.10
N SER A 308 20.12 18.06 13.08
CA SER A 308 19.74 17.08 12.07
C SER A 308 18.61 17.68 11.26
N PRO A 309 18.28 17.08 10.11
CA PRO A 309 17.17 17.64 9.33
C PRO A 309 15.86 17.57 10.10
N TYR A 310 15.73 16.57 10.96
CA TYR A 310 14.51 16.40 11.76
C TYR A 310 14.30 17.56 12.72
N LEU A 311 15.36 18.00 13.36
CA LEU A 311 15.28 19.11 14.30
C LEU A 311 14.98 20.43 13.57
N ILE A 312 15.68 20.65 12.47
CA ILE A 312 15.50 21.87 11.66
C ILE A 312 14.08 21.93 11.11
N ALA A 313 13.59 20.79 10.64
CA ALA A 313 12.23 20.71 10.09
C ALA A 313 11.21 20.97 11.20
N PHE A 314 11.48 20.45 12.40
CA PHE A 314 10.57 20.66 13.51
C PHE A 314 10.48 22.15 13.83
N LEU A 315 11.62 22.85 13.77
CA LEU A 315 11.65 24.28 14.03
C LEU A 315 10.78 25.03 13.02
N VAL A 316 10.83 24.61 11.77
CA VAL A 316 10.02 25.25 10.75
C VAL A 316 8.54 25.04 11.08
N ASP A 317 8.19 23.82 11.51
CA ASP A 317 6.81 23.52 11.87
C ASP A 317 6.34 24.41 13.03
N ILE A 318 7.22 24.64 13.99
CA ILE A 318 6.88 25.49 15.13
C ILE A 318 6.63 26.92 14.61
N TYR A 319 7.57 27.42 13.81
CA TYR A 319 7.44 28.77 13.26
C TYR A 319 6.16 28.93 12.44
N GLU A 320 5.81 27.92 11.65
CA GLU A 320 4.59 27.99 10.84
C GLU A 320 3.37 28.20 11.74
N ASP A 321 3.27 27.40 12.79
CA ASP A 321 2.15 27.51 13.71
C ASP A 321 2.16 28.87 14.42
N MET A 322 3.34 29.34 14.79
CA MET A 322 3.48 30.63 15.46
C MET A 322 2.91 31.75 14.58
N LEU A 323 3.29 31.75 13.30
CA LEU A 323 2.82 32.77 12.37
C LEU A 323 1.32 32.65 12.15
N GLU A 324 0.80 31.44 12.24
CA GLU A 324 -0.61 31.19 12.04
C GLU A 324 -1.42 31.61 13.27
N ASN A 325 -0.70 31.94 14.35
CA ASN A 325 -1.35 32.35 15.59
C ASN A 325 -0.98 33.74 16.06
N GLN A 326 -0.83 34.66 15.12
CA GLN A 326 -0.50 36.05 15.44
C GLN A 326 0.59 36.18 16.49
N CYS A 327 1.70 35.48 16.29
CA CYS A 327 2.81 35.55 17.23
C CYS A 327 3.41 36.95 17.21
N ASP A 328 4.26 37.23 18.21
CA ASP A 328 4.92 38.52 18.29
C ASP A 328 6.17 38.45 17.42
N ASN A 329 6.65 39.60 16.95
CA ASN A 329 7.83 39.64 16.10
C ASN A 329 7.63 38.76 14.88
N LYS A 330 6.48 38.93 14.23
CA LYS A 330 6.12 38.17 13.04
C LYS A 330 7.18 38.19 11.95
N GLU A 331 7.65 39.38 11.59
CA GLU A 331 8.67 39.52 10.55
C GLU A 331 9.92 38.72 10.85
N ASP A 332 10.34 38.73 12.12
CA ASP A 332 11.52 38.01 12.55
C ASP A 332 11.31 36.50 12.42
N ILE A 333 10.14 36.04 12.86
CA ILE A 333 9.81 34.63 12.81
C ILE A 333 9.75 34.16 11.35
N LEU A 334 9.13 34.96 10.50
CA LEU A 334 9.01 34.63 9.08
C LEU A 334 10.39 34.51 8.44
N ASN A 335 11.28 35.44 8.79
CA ASN A 335 12.63 35.43 8.25
C ASN A 335 13.39 34.17 8.70
N LYS A 336 13.23 33.79 9.96
CA LYS A 336 13.90 32.59 10.49
C LYS A 336 13.37 31.36 9.74
N ALA A 337 12.05 31.27 9.61
CA ALA A 337 11.42 30.15 8.94
C ALA A 337 11.90 30.01 7.50
N LEU A 338 11.95 31.13 6.78
CA LEU A 338 12.39 31.12 5.39
C LEU A 338 13.86 30.73 5.24
N GLU A 339 14.70 31.18 6.17
CA GLU A 339 16.12 30.84 6.12
C GLU A 339 16.27 29.32 6.30
N LEU A 340 15.49 28.75 7.22
CA LEU A 340 15.57 27.30 7.45
C LEU A 340 15.04 26.50 6.27
N CYS A 341 13.98 26.98 5.63
CA CYS A 341 13.43 26.29 4.46
C CYS A 341 14.50 26.24 3.38
N GLU A 342 15.24 27.33 3.22
CA GLU A 342 16.31 27.42 2.24
C GLU A 342 17.42 26.44 2.59
N ILE A 343 17.82 26.44 3.86
CA ILE A 343 18.85 25.54 4.33
C ILE A 343 18.46 24.08 4.08
N LEU A 344 17.20 23.76 4.35
CA LEU A 344 16.71 22.41 4.16
C LEU A 344 16.69 22.03 2.68
N ALA A 345 16.20 22.94 1.84
CA ALA A 345 16.11 22.69 0.41
C ALA A 345 17.44 22.58 -0.32
N LYS A 346 18.40 23.37 0.12
CA LYS A 346 19.71 23.42 -0.52
C LYS A 346 20.78 22.53 0.08
N GLU A 347 20.68 22.20 1.36
CA GLU A 347 21.72 21.41 1.97
C GLU A 347 21.36 20.25 2.90
N LYS A 348 20.51 20.50 3.87
CA LYS A 348 20.16 19.48 4.86
C LYS A 348 19.07 18.48 4.56
N ASP A 349 18.21 18.78 3.59
CA ASP A 349 17.14 17.84 3.26
C ASP A 349 16.76 18.03 1.80
N THR A 350 17.78 18.01 0.93
CA THR A 350 17.60 18.22 -0.50
C THR A 350 16.64 17.28 -1.19
N ILE A 351 16.47 16.06 -0.67
CA ILE A 351 15.55 15.13 -1.32
C ILE A 351 14.14 15.74 -1.31
N ARG A 352 13.87 16.59 -0.33
CA ARG A 352 12.57 17.24 -0.21
C ARG A 352 12.61 18.71 -0.61
N LYS A 353 13.51 19.03 -1.54
CA LYS A 353 13.65 20.41 -2.01
C LYS A 353 12.33 21.03 -2.49
N GLU A 354 11.56 20.29 -3.29
CA GLU A 354 10.29 20.83 -3.77
C GLU A 354 9.32 21.12 -2.64
N TYR A 355 9.30 20.24 -1.64
CA TYR A 355 8.42 20.43 -0.49
C TYR A 355 8.81 21.70 0.26
N TRP A 356 10.11 21.83 0.58
CA TRP A 356 10.57 23.00 1.32
C TRP A 356 10.40 24.31 0.58
N ARG A 357 10.56 24.29 -0.75
CA ARG A 357 10.37 25.50 -1.55
C ARG A 357 8.88 25.86 -1.46
N TYR A 358 8.02 24.85 -1.50
CA TYR A 358 6.58 25.06 -1.40
C TYR A 358 6.24 25.71 -0.06
N ILE A 359 6.84 25.19 1.01
CA ILE A 359 6.59 25.74 2.35
C ILE A 359 7.05 27.21 2.40
N GLY A 360 8.19 27.49 1.80
CA GLY A 360 8.69 28.86 1.78
C GLY A 360 7.71 29.79 1.09
N ARG A 361 7.17 29.35 -0.05
CA ARG A 361 6.21 30.16 -0.78
C ARG A 361 4.89 30.26 -0.01
N SER A 362 4.48 29.18 0.65
CA SER A 362 3.23 29.20 1.43
C SER A 362 3.32 30.22 2.54
N LEU A 363 4.44 30.21 3.27
CA LEU A 363 4.64 31.15 4.37
C LEU A 363 4.54 32.58 3.89
N GLN A 364 5.11 32.86 2.72
CA GLN A 364 5.07 34.20 2.15
C GLN A 364 3.67 34.62 1.68
N SER A 365 2.87 33.66 1.24
CA SER A 365 1.53 33.98 0.77
C SER A 365 0.59 34.19 1.95
N LYS A 366 0.93 33.61 3.09
CA LYS A 366 0.11 33.73 4.29
C LYS A 366 0.52 34.83 5.27
N HIS A 367 1.80 35.12 5.36
CA HIS A 367 2.25 36.12 6.32
C HIS A 367 3.16 37.24 5.78
N PRO B 17 27.78 17.65 -22.79
CA PRO B 17 27.54 16.88 -24.04
C PRO B 17 26.32 15.97 -23.88
N VAL B 18 25.62 15.73 -24.97
CA VAL B 18 24.40 14.91 -24.95
C VAL B 18 24.62 13.46 -24.52
N TRP B 19 25.86 12.97 -24.62
CA TRP B 19 26.15 11.60 -24.24
C TRP B 19 26.53 11.38 -22.78
N SER B 20 26.42 12.43 -21.96
CA SER B 20 26.72 12.30 -20.55
C SER B 20 25.68 13.12 -19.80
N GLU B 21 25.11 12.54 -18.74
CA GLU B 21 24.10 13.25 -17.98
C GLU B 21 24.34 13.04 -16.48
N PRO B 22 24.81 14.09 -15.79
CA PRO B 22 25.08 14.03 -14.35
C PRO B 22 23.87 13.56 -13.57
N LEU B 23 24.11 12.74 -12.54
CA LEU B 23 23.01 12.21 -11.73
C LEU B 23 23.07 12.71 -10.29
N TYR B 24 21.88 12.93 -9.72
CA TYR B 24 21.75 13.39 -8.35
C TYR B 24 22.41 12.40 -7.39
N SER B 25 22.13 11.12 -7.60
CA SER B 25 22.65 10.06 -6.74
C SER B 25 24.17 9.88 -6.82
N LEU B 26 24.78 10.44 -7.86
CA LEU B 26 26.22 10.32 -8.04
C LEU B 26 27.01 11.55 -7.61
N ARG B 27 26.33 12.58 -7.14
CA ARG B 27 27.01 13.79 -6.69
C ARG B 27 27.88 13.42 -5.49
N PRO B 28 29.03 14.11 -5.32
CA PRO B 28 29.88 13.77 -4.18
C PRO B 28 29.21 14.04 -2.83
N GLU B 29 28.34 15.04 -2.76
CA GLU B 29 27.64 15.37 -1.52
C GLU B 29 26.62 14.29 -1.16
N HIS B 30 26.24 13.47 -2.13
CA HIS B 30 25.24 12.45 -1.87
C HIS B 30 25.68 11.44 -0.82
N ALA B 31 26.98 11.23 -0.68
CA ALA B 31 27.50 10.29 0.31
C ALA B 31 27.11 10.73 1.73
N ARG B 32 26.86 12.02 1.89
CA ARG B 32 26.47 12.55 3.20
C ARG B 32 25.06 12.12 3.61
N GLU B 33 24.31 11.60 2.65
CA GLU B 33 22.94 11.16 2.92
C GLU B 33 22.87 9.74 3.47
N ARG B 34 24.03 9.12 3.68
CA ARG B 34 24.08 7.77 4.23
C ARG B 34 23.54 7.78 5.65
N LEU B 35 22.98 6.66 6.08
CA LEU B 35 22.41 6.55 7.41
C LEU B 35 23.37 6.92 8.54
N GLN B 36 22.85 7.66 9.52
CA GLN B 36 23.62 8.03 10.70
C GLN B 36 22.92 7.30 11.83
N ASP B 37 23.49 6.20 12.30
CA ASP B 37 22.86 5.42 13.35
C ASP B 37 23.16 5.88 14.78
N ASP B 38 23.84 7.03 14.91
CA ASP B 38 24.17 7.57 16.22
C ASP B 38 24.88 6.56 17.11
N SER B 39 25.57 5.60 16.49
CA SER B 39 26.29 4.57 17.23
C SER B 39 25.37 3.72 18.10
N VAL B 40 24.10 3.65 17.73
CA VAL B 40 23.13 2.84 18.46
C VAL B 40 22.49 1.91 17.44
N GLU B 41 22.94 0.66 17.42
CA GLU B 41 22.42 -0.32 16.47
C GLU B 41 21.20 -1.09 16.94
N THR B 42 20.23 -1.24 16.04
CA THR B 42 19.02 -2.00 16.31
C THR B 42 18.74 -2.71 15.00
N VAL B 43 17.86 -3.69 15.02
CA VAL B 43 17.52 -4.44 13.81
C VAL B 43 17.19 -3.49 12.66
N THR B 44 16.49 -2.40 12.97
CA THR B 44 16.10 -1.43 11.97
C THR B 44 17.28 -0.77 11.24
N SER B 45 18.22 -0.22 12.00
CA SER B 45 19.37 0.45 11.38
C SER B 45 20.29 -0.52 10.64
N ILE B 46 20.40 -1.75 11.16
CA ILE B 46 21.24 -2.76 10.53
C ILE B 46 20.70 -3.11 9.14
N GLU B 47 19.39 -3.31 9.05
CA GLU B 47 18.79 -3.65 7.78
C GLU B 47 18.88 -2.49 6.80
N GLN B 48 18.64 -1.28 7.30
CA GLN B 48 18.71 -0.08 6.47
C GLN B 48 20.14 0.08 5.93
N ALA B 49 21.14 -0.12 6.78
CA ALA B 49 22.54 0.01 6.35
C ALA B 49 22.90 -1.02 5.29
N LYS B 50 22.39 -2.23 5.44
CA LYS B 50 22.68 -3.29 4.46
C LYS B 50 22.16 -2.89 3.08
N VAL B 51 20.93 -2.37 3.02
CA VAL B 51 20.35 -1.95 1.75
C VAL B 51 21.18 -0.81 1.15
N GLU B 52 21.52 0.18 1.97
CA GLU B 52 22.30 1.31 1.49
C GLU B 52 23.66 0.92 0.93
N GLU B 53 24.32 -0.03 1.57
CA GLU B 53 25.63 -0.48 1.08
C GLU B 53 25.49 -1.07 -0.32
N LYS B 54 24.47 -1.88 -0.52
CA LYS B 54 24.23 -2.50 -1.81
C LYS B 54 23.87 -1.46 -2.88
N ILE B 55 22.99 -0.52 -2.53
CA ILE B 55 22.58 0.52 -3.46
C ILE B 55 23.75 1.41 -3.91
N GLN B 56 24.68 1.68 -2.99
CA GLN B 56 25.84 2.49 -3.33
C GLN B 56 26.68 1.80 -4.40
N GLU B 57 26.82 0.48 -4.27
CA GLU B 57 27.57 -0.31 -5.23
C GLU B 57 26.92 -0.18 -6.60
N VAL B 58 25.60 -0.30 -6.64
CA VAL B 58 24.88 -0.18 -7.90
C VAL B 58 25.09 1.21 -8.48
N PHE B 59 24.84 2.24 -7.68
CA PHE B 59 25.02 3.63 -8.13
C PHE B 59 26.40 3.82 -8.75
N SER B 60 27.43 3.35 -8.05
CA SER B 60 28.80 3.47 -8.53
C SER B 60 29.04 2.79 -9.87
N SER B 61 28.31 1.71 -10.16
CA SER B 61 28.51 1.01 -11.42
C SER B 61 28.03 1.79 -12.64
N TYR B 62 27.33 2.90 -12.40
CA TYR B 62 26.83 3.72 -13.50
C TYR B 62 27.68 4.98 -13.71
N LYS B 63 28.73 5.11 -12.91
CA LYS B 63 29.63 6.27 -12.98
C LYS B 63 31.03 5.86 -13.42
N PHE B 64 31.59 6.59 -14.38
CA PHE B 64 32.94 6.32 -14.87
C PHE B 64 33.67 7.64 -14.78
N ASN B 65 33.96 8.04 -13.54
CA ASN B 65 34.59 9.31 -13.26
C ASN B 65 33.69 10.40 -13.81
N HIS B 66 34.18 11.24 -14.72
CA HIS B 66 33.33 12.31 -15.23
C HIS B 66 32.38 11.85 -16.35
N LEU B 67 32.53 10.60 -16.79
CA LEU B 67 31.66 10.07 -17.83
C LEU B 67 30.47 9.39 -17.15
N VAL B 68 29.27 9.89 -17.42
CA VAL B 68 28.05 9.29 -16.84
C VAL B 68 27.03 9.05 -17.96
N PRO B 69 27.10 7.88 -18.60
CA PRO B 69 26.18 7.52 -19.69
C PRO B 69 24.70 7.65 -19.33
N ARG B 70 23.88 8.05 -20.29
CA ARG B 70 22.46 8.19 -20.02
C ARG B 70 21.84 6.85 -19.61
N LEU B 71 20.91 6.91 -18.67
CA LEU B 71 20.23 5.71 -18.19
C LEU B 71 19.26 5.19 -19.24
N VAL B 72 19.09 3.87 -19.26
CA VAL B 72 18.22 3.24 -20.24
C VAL B 72 17.17 2.30 -19.64
N LEU B 73 15.92 2.52 -20.01
CA LEU B 73 14.82 1.67 -19.58
C LEU B 73 14.86 0.55 -20.63
N GLN B 74 15.00 -0.69 -20.19
CA GLN B 74 15.08 -1.82 -21.10
C GLN B 74 13.72 -2.26 -21.65
N ARG B 75 13.11 -1.36 -22.41
CA ARG B 75 11.79 -1.57 -23.02
C ARG B 75 11.54 -2.94 -23.63
N GLU B 76 12.38 -3.32 -24.60
CA GLU B 76 12.21 -4.60 -25.27
C GLU B 76 12.25 -5.80 -24.36
N LYS B 77 13.14 -5.79 -23.37
CA LYS B 77 13.23 -6.91 -22.44
C LYS B 77 11.95 -6.98 -21.62
N HIS B 78 11.49 -5.83 -21.14
CA HIS B 78 10.27 -5.80 -20.34
C HIS B 78 9.10 -6.27 -21.19
N PHE B 79 9.05 -5.80 -22.44
CA PHE B 79 7.97 -6.17 -23.35
C PHE B 79 7.86 -7.69 -23.55
N HIS B 80 8.98 -8.34 -23.82
CA HIS B 80 8.97 -9.78 -24.02
C HIS B 80 8.55 -10.55 -22.78
N TYR B 81 8.99 -10.07 -21.61
CA TYR B 81 8.64 -10.68 -20.32
C TYR B 81 7.12 -10.60 -20.13
N LEU B 82 6.56 -9.42 -20.38
CA LEU B 82 5.13 -9.17 -20.24
C LEU B 82 4.29 -9.99 -21.24
N LYS B 83 4.67 -9.95 -22.51
CA LYS B 83 3.96 -10.67 -23.55
C LYS B 83 3.81 -12.16 -23.22
N ARG B 84 4.88 -12.75 -22.72
CA ARG B 84 4.89 -14.15 -22.35
C ARG B 84 3.93 -14.44 -21.18
N GLY B 85 3.99 -13.61 -20.14
CA GLY B 85 3.14 -13.82 -18.99
C GLY B 85 1.65 -13.69 -19.24
N LEU B 86 1.28 -12.98 -20.30
CA LEU B 86 -0.12 -12.78 -20.62
C LEU B 86 -0.82 -14.06 -21.09
N ARG B 87 -0.04 -15.05 -21.53
CA ARG B 87 -0.63 -16.30 -22.00
C ARG B 87 -0.46 -17.43 -20.99
N GLN B 88 0.79 -17.72 -20.62
CA GLN B 88 1.04 -18.81 -19.67
C GLN B 88 1.96 -18.45 -18.51
N LEU B 89 1.88 -19.28 -17.46
CA LEU B 89 2.69 -19.09 -16.26
C LEU B 89 3.01 -20.45 -15.66
N THR B 90 4.17 -20.55 -15.01
CA THR B 90 4.58 -21.81 -14.38
C THR B 90 3.81 -21.97 -13.07
N ASP B 91 3.90 -23.15 -12.47
CA ASP B 91 3.21 -23.40 -11.21
C ASP B 91 3.73 -22.51 -10.09
N ALA B 92 4.72 -21.68 -10.41
CA ALA B 92 5.28 -20.77 -9.43
C ALA B 92 4.22 -19.70 -9.15
N TYR B 93 3.23 -19.62 -10.03
CA TYR B 93 2.16 -18.65 -9.86
C TYR B 93 0.89 -19.26 -9.26
N GLU B 94 1.02 -20.44 -8.67
CA GLU B 94 -0.12 -21.08 -8.04
C GLU B 94 -0.58 -20.21 -6.87
N CYS B 95 0.36 -19.49 -6.26
CA CYS B 95 0.04 -18.63 -5.12
C CYS B 95 -0.85 -17.45 -5.50
N LEU B 96 -1.00 -17.21 -6.80
CA LEU B 96 -1.83 -16.12 -7.31
C LEU B 96 -3.04 -16.63 -8.07
N ASP B 97 -3.39 -17.90 -7.85
CA ASP B 97 -4.53 -18.52 -8.53
C ASP B 97 -5.85 -17.82 -8.17
N ALA B 98 -5.85 -17.04 -7.08
CA ALA B 98 -7.05 -16.32 -6.67
C ALA B 98 -6.91 -14.84 -7.01
N SER B 99 -5.99 -14.51 -7.91
CA SER B 99 -5.76 -13.13 -8.33
C SER B 99 -5.42 -13.02 -9.81
N ARG B 100 -5.99 -13.89 -10.63
CA ARG B 100 -5.69 -13.84 -12.05
C ARG B 100 -6.10 -12.55 -12.74
N PRO B 101 -7.21 -11.92 -12.31
CA PRO B 101 -7.54 -10.67 -13.00
C PRO B 101 -6.44 -9.63 -12.72
N TRP B 102 -5.74 -9.79 -11.60
CA TRP B 102 -4.64 -8.88 -11.26
C TRP B 102 -3.49 -9.06 -12.25
N LEU B 103 -3.20 -10.30 -12.61
CA LEU B 103 -2.14 -10.58 -13.56
C LEU B 103 -2.50 -9.91 -14.89
N CYS B 104 -3.76 -10.00 -15.29
CA CYS B 104 -4.21 -9.38 -16.53
C CYS B 104 -3.99 -7.86 -16.46
N TYR B 105 -4.43 -7.26 -15.36
CA TYR B 105 -4.29 -5.83 -15.16
C TYR B 105 -2.84 -5.35 -15.12
N TRP B 106 -2.02 -5.97 -14.29
CA TRP B 106 -0.61 -5.57 -14.18
C TRP B 106 0.09 -5.62 -15.53
N ILE B 107 -0.13 -6.69 -16.27
CA ILE B 107 0.51 -6.87 -17.57
C ILE B 107 -0.02 -5.90 -18.62
N LEU B 108 -1.35 -5.78 -18.72
CA LEU B 108 -1.94 -4.87 -19.68
C LEU B 108 -1.56 -3.41 -19.41
N HIS B 109 -1.51 -3.03 -18.13
CA HIS B 109 -1.16 -1.66 -17.79
C HIS B 109 0.31 -1.40 -18.10
N SER B 110 1.16 -2.39 -17.87
CA SER B 110 2.59 -2.24 -18.15
C SER B 110 2.80 -2.04 -19.65
N LEU B 111 2.12 -2.85 -20.45
CA LEU B 111 2.23 -2.74 -21.90
C LEU B 111 1.72 -1.38 -22.35
N GLU B 112 0.63 -0.95 -21.71
CA GLU B 112 0.04 0.35 -22.02
C GLU B 112 1.05 1.47 -21.72
N LEU B 113 1.71 1.39 -20.56
CA LEU B 113 2.69 2.41 -20.20
C LEU B 113 3.84 2.43 -21.20
N LEU B 114 4.22 1.24 -21.68
CA LEU B 114 5.30 1.08 -22.65
C LEU B 114 4.85 1.37 -24.07
N ASP B 115 3.60 1.77 -24.24
CA ASP B 115 3.05 2.08 -25.54
C ASP B 115 3.21 0.90 -26.50
N GLU B 116 2.97 -0.31 -26.00
CA GLU B 116 3.06 -1.53 -26.80
C GLU B 116 1.63 -1.94 -27.11
N PRO B 117 1.27 -2.01 -28.39
CA PRO B 117 -0.10 -2.40 -28.74
C PRO B 117 -0.49 -3.81 -28.32
N ILE B 118 -1.76 -3.97 -27.95
CA ILE B 118 -2.27 -5.26 -27.54
C ILE B 118 -3.06 -5.82 -28.74
N PRO B 119 -2.58 -6.95 -29.30
CA PRO B 119 -3.26 -7.56 -30.45
C PRO B 119 -4.74 -7.75 -30.19
N GLN B 120 -5.56 -7.59 -31.24
CA GLN B 120 -7.00 -7.73 -31.12
C GLN B 120 -7.40 -9.10 -30.58
N ILE B 121 -6.69 -10.14 -31.02
CA ILE B 121 -6.97 -11.50 -30.58
C ILE B 121 -6.71 -11.66 -29.08
N VAL B 122 -5.61 -11.06 -28.61
CA VAL B 122 -5.26 -11.12 -27.20
C VAL B 122 -6.32 -10.37 -26.39
N ALA B 123 -6.73 -9.21 -26.90
CA ALA B 123 -7.74 -8.39 -26.22
C ALA B 123 -9.05 -9.16 -26.02
N THR B 124 -9.49 -9.82 -27.08
CA THR B 124 -10.73 -10.58 -27.02
C THR B 124 -10.60 -11.77 -26.06
N ASP B 125 -9.44 -12.41 -26.06
CA ASP B 125 -9.22 -13.53 -25.17
C ASP B 125 -9.25 -13.08 -23.71
N VAL B 126 -8.70 -11.91 -23.43
CA VAL B 126 -8.70 -11.39 -22.07
C VAL B 126 -10.15 -11.10 -21.67
N CYS B 127 -10.88 -10.47 -22.58
CA CYS B 127 -12.28 -10.14 -22.32
C CYS B 127 -13.06 -11.40 -21.96
N GLN B 128 -12.90 -12.46 -22.76
CA GLN B 128 -13.60 -13.71 -22.52
C GLN B 128 -13.23 -14.31 -21.17
N PHE B 129 -11.94 -14.26 -20.83
CA PHE B 129 -11.49 -14.80 -19.55
C PHE B 129 -12.09 -14.05 -18.38
N LEU B 130 -12.10 -12.72 -18.44
CA LEU B 130 -12.65 -11.93 -17.36
C LEU B 130 -14.15 -12.16 -17.24
N GLU B 131 -14.80 -12.49 -18.35
CA GLU B 131 -16.23 -12.76 -18.31
C GLU B 131 -16.44 -14.03 -17.49
N LEU B 132 -15.52 -14.98 -17.63
CA LEU B 132 -15.60 -16.25 -16.89
C LEU B 132 -15.34 -16.03 -15.40
N CYS B 133 -14.62 -14.96 -15.06
CA CYS B 133 -14.32 -14.65 -13.66
C CYS B 133 -15.44 -13.86 -12.99
N GLN B 134 -16.37 -13.34 -13.80
CA GLN B 134 -17.46 -12.55 -13.25
C GLN B 134 -18.50 -13.43 -12.58
N SER B 135 -18.89 -13.04 -11.37
CA SER B 135 -19.87 -13.80 -10.60
C SER B 135 -21.30 -13.41 -10.94
N PRO B 136 -22.23 -14.38 -10.90
CA PRO B 136 -23.62 -14.07 -11.21
C PRO B 136 -24.22 -13.11 -10.17
N GLU B 137 -23.58 -13.01 -9.01
CA GLU B 137 -24.07 -12.10 -7.98
C GLU B 137 -23.47 -10.71 -8.15
N GLY B 138 -22.62 -10.55 -9.16
CA GLY B 138 -22.00 -9.27 -9.41
C GLY B 138 -20.54 -9.28 -8.96
N GLY B 139 -19.72 -8.45 -9.61
CA GLY B 139 -18.31 -8.40 -9.26
C GLY B 139 -17.53 -9.53 -9.90
N PHE B 140 -16.22 -9.53 -9.71
CA PHE B 140 -15.36 -10.57 -10.27
C PHE B 140 -14.58 -11.30 -9.18
N GLY B 141 -14.30 -12.58 -9.44
CA GLY B 141 -13.54 -13.38 -8.51
C GLY B 141 -12.12 -13.53 -9.04
N GLY B 142 -11.27 -14.20 -8.28
CA GLY B 142 -9.88 -14.37 -8.69
C GLY B 142 -9.64 -15.38 -9.80
N GLY B 143 -10.70 -16.07 -10.20
CA GLY B 143 -10.60 -17.06 -11.25
C GLY B 143 -12.00 -17.60 -11.54
N PRO B 144 -12.17 -18.39 -12.60
CA PRO B 144 -13.50 -18.93 -12.94
C PRO B 144 -14.14 -19.70 -11.78
N GLY B 145 -15.37 -19.32 -11.44
CA GLY B 145 -16.06 -20.01 -10.36
C GLY B 145 -15.74 -19.57 -8.95
N GLN B 146 -14.79 -18.65 -8.80
CA GLN B 146 -14.43 -18.17 -7.48
C GLN B 146 -15.43 -17.10 -7.04
N TYR B 147 -15.60 -16.93 -5.74
CA TYR B 147 -16.52 -15.91 -5.22
C TYR B 147 -15.99 -14.53 -5.61
N PRO B 148 -16.90 -13.55 -5.77
CA PRO B 148 -16.44 -12.21 -6.14
C PRO B 148 -15.67 -11.59 -4.97
N HIS B 149 -14.78 -10.66 -5.28
CA HIS B 149 -13.96 -10.02 -4.24
C HIS B 149 -13.60 -8.65 -4.82
N LEU B 150 -13.61 -7.61 -3.98
CA LEU B 150 -13.32 -6.26 -4.46
C LEU B 150 -11.95 -6.07 -5.10
N ALA B 151 -10.94 -6.80 -4.63
CA ALA B 151 -9.60 -6.66 -5.20
C ALA B 151 -9.60 -7.07 -6.67
N PRO B 152 -9.96 -8.34 -6.99
CA PRO B 152 -9.97 -8.73 -8.40
C PRO B 152 -11.04 -7.99 -9.22
N THR B 153 -12.09 -7.51 -8.56
CA THR B 153 -13.14 -6.77 -9.25
C THR B 153 -12.54 -5.46 -9.77
N TYR B 154 -11.75 -4.81 -8.91
CA TYR B 154 -11.07 -3.57 -9.26
C TYR B 154 -10.12 -3.82 -10.44
N ALA B 155 -9.34 -4.88 -10.34
CA ALA B 155 -8.38 -5.24 -11.39
C ALA B 155 -9.05 -5.57 -12.71
N ALA B 156 -10.13 -6.34 -12.66
CA ALA B 156 -10.85 -6.73 -13.86
C ALA B 156 -11.42 -5.50 -14.57
N VAL B 157 -12.06 -4.62 -13.82
CA VAL B 157 -12.64 -3.41 -14.40
C VAL B 157 -11.55 -2.55 -15.04
N ASN B 158 -10.42 -2.40 -14.36
CA ASN B 158 -9.31 -1.63 -14.91
C ASN B 158 -8.80 -2.26 -16.20
N ALA B 159 -8.62 -3.59 -16.18
CA ALA B 159 -8.12 -4.30 -17.37
C ALA B 159 -9.06 -4.09 -18.55
N LEU B 160 -10.36 -4.20 -18.29
CA LEU B 160 -11.36 -4.03 -19.34
C LEU B 160 -11.31 -2.61 -19.90
N CYS B 161 -11.10 -1.62 -19.03
CA CYS B 161 -11.03 -0.24 -19.48
C CYS B 161 -9.76 0.04 -20.29
N ILE B 162 -8.67 -0.67 -19.97
CA ILE B 162 -7.42 -0.50 -20.72
C ILE B 162 -7.63 -1.00 -22.15
N ILE B 163 -8.37 -2.10 -22.30
CA ILE B 163 -8.64 -2.63 -23.64
C ILE B 163 -9.52 -1.57 -24.31
N GLY B 164 -10.49 -1.07 -23.55
CA GLY B 164 -11.35 0.00 -24.03
C GLY B 164 -12.27 -0.17 -25.22
N THR B 165 -12.65 -1.40 -25.54
CA THR B 165 -13.55 -1.62 -26.66
C THR B 165 -14.95 -1.82 -26.10
N GLU B 166 -15.98 -1.60 -26.92
CA GLU B 166 -17.35 -1.79 -26.45
C GLU B 166 -17.52 -3.22 -25.97
N GLU B 167 -16.81 -4.14 -26.62
CA GLU B 167 -16.86 -5.54 -26.25
C GLU B 167 -16.42 -5.66 -24.79
N ALA B 168 -15.29 -5.03 -24.46
CA ALA B 168 -14.76 -5.07 -23.11
C ALA B 168 -15.73 -4.39 -22.13
N TYR B 169 -16.15 -3.17 -22.45
CA TYR B 169 -17.07 -2.42 -21.60
C TYR B 169 -18.34 -3.20 -21.26
N ASP B 170 -18.94 -3.82 -22.27
CA ASP B 170 -20.19 -4.56 -22.08
C ASP B 170 -20.12 -5.86 -21.30
N ILE B 171 -18.92 -6.35 -21.03
CA ILE B 171 -18.78 -7.58 -20.26
C ILE B 171 -19.29 -7.34 -18.84
N ILE B 172 -19.03 -6.15 -18.31
CA ILE B 172 -19.43 -5.80 -16.96
C ILE B 172 -20.94 -5.80 -16.74
N ASN B 173 -21.40 -6.59 -15.78
CA ASN B 173 -22.81 -6.63 -15.45
C ASN B 173 -22.98 -5.51 -14.42
N ARG B 174 -23.34 -4.32 -14.90
CA ARG B 174 -23.49 -3.17 -14.03
C ARG B 174 -24.58 -3.28 -12.98
N GLU B 175 -25.70 -3.91 -13.34
CA GLU B 175 -26.81 -4.06 -12.38
C GLU B 175 -26.36 -4.89 -11.18
N LYS B 176 -25.74 -6.04 -11.44
CA LYS B 176 -25.28 -6.91 -10.36
C LYS B 176 -24.08 -6.33 -9.63
N LEU B 177 -23.24 -5.58 -10.34
CA LEU B 177 -22.08 -4.98 -9.70
C LEU B 177 -22.51 -4.02 -8.60
N LEU B 178 -23.52 -3.19 -8.89
CA LEU B 178 -24.01 -2.24 -7.89
C LEU B 178 -24.62 -2.98 -6.70
N GLN B 179 -25.39 -4.02 -6.97
CA GLN B 179 -26.00 -4.81 -5.90
C GLN B 179 -24.91 -5.44 -5.03
N TYR B 180 -23.86 -5.93 -5.68
CA TYR B 180 -22.74 -6.54 -4.98
C TYR B 180 -22.10 -5.52 -4.02
N LEU B 181 -21.84 -4.31 -4.52
CA LEU B 181 -21.24 -3.28 -3.69
C LEU B 181 -22.14 -3.03 -2.47
N TYR B 182 -23.45 -2.97 -2.71
CA TYR B 182 -24.40 -2.76 -1.63
C TYR B 182 -24.27 -3.89 -0.62
N SER B 183 -24.08 -5.10 -1.12
CA SER B 183 -23.96 -6.28 -0.25
C SER B 183 -22.71 -6.26 0.62
N LEU B 184 -21.80 -5.31 0.37
CA LEU B 184 -20.56 -5.22 1.15
C LEU B 184 -20.50 -3.96 2.01
N LYS B 185 -21.44 -3.04 1.79
CA LYS B 185 -21.47 -1.77 2.54
C LYS B 185 -21.88 -1.92 4.00
N GLN B 186 -21.05 -1.37 4.89
CA GLN B 186 -21.28 -1.41 6.33
C GLN B 186 -21.93 -0.11 6.79
N PRO B 187 -22.67 -0.14 7.91
CA PRO B 187 -23.33 1.07 8.41
C PRO B 187 -22.41 2.22 8.83
N ASP B 188 -21.14 1.93 9.14
CA ASP B 188 -20.22 2.99 9.55
C ASP B 188 -19.50 3.62 8.36
N GLY B 189 -19.92 3.27 7.15
CA GLY B 189 -19.30 3.82 5.95
C GLY B 189 -18.24 2.94 5.30
N SER B 190 -17.75 1.94 6.01
CA SER B 190 -16.72 1.06 5.46
C SER B 190 -17.32 -0.03 4.58
N PHE B 191 -16.47 -0.74 3.86
CA PHE B 191 -16.88 -1.83 2.99
C PHE B 191 -16.08 -3.10 3.32
N LEU B 192 -16.72 -4.25 3.16
CA LEU B 192 -16.03 -5.52 3.37
C LEU B 192 -15.29 -5.78 2.06
N MET B 193 -14.18 -6.52 2.11
CA MET B 193 -13.44 -6.81 0.87
C MET B 193 -14.23 -7.84 0.06
N HIS B 194 -15.04 -8.64 0.77
CA HIS B 194 -15.89 -9.66 0.15
C HIS B 194 -16.85 -10.17 1.22
N VAL B 195 -17.88 -10.89 0.79
CA VAL B 195 -18.86 -11.41 1.73
C VAL B 195 -18.19 -12.21 2.84
N GLY B 196 -18.50 -11.87 4.09
CA GLY B 196 -17.89 -12.55 5.21
C GLY B 196 -16.40 -12.30 5.31
N GLY B 197 -15.93 -11.24 4.65
CA GLY B 197 -14.52 -10.91 4.67
C GLY B 197 -14.13 -9.82 5.65
N GLU B 198 -12.92 -9.29 5.50
CA GLU B 198 -12.43 -8.25 6.40
C GLU B 198 -12.61 -6.85 5.82
N VAL B 199 -12.52 -5.87 6.69
CA VAL B 199 -12.64 -4.47 6.29
C VAL B 199 -11.36 -3.68 6.54
N ASP B 200 -11.00 -2.87 5.55
CA ASP B 200 -9.85 -1.97 5.62
C ASP B 200 -10.01 -0.98 4.47
N VAL B 201 -9.19 0.06 4.45
CA VAL B 201 -9.31 1.11 3.44
C VAL B 201 -9.25 0.67 1.97
N ARG B 202 -8.62 -0.47 1.69
CA ARG B 202 -8.53 -0.93 0.30
C ARG B 202 -9.92 -1.11 -0.31
N SER B 203 -10.87 -1.60 0.49
CA SER B 203 -12.23 -1.85 -0.02
C SER B 203 -12.91 -0.58 -0.51
N ALA B 204 -12.77 0.51 0.25
CA ALA B 204 -13.38 1.77 -0.14
C ALA B 204 -12.84 2.24 -1.49
N TYR B 205 -11.54 2.06 -1.70
CA TYR B 205 -10.91 2.47 -2.95
C TYR B 205 -11.39 1.60 -4.12
N CYS B 206 -11.37 0.29 -3.93
CA CYS B 206 -11.79 -0.64 -4.97
C CYS B 206 -13.23 -0.33 -5.39
N ALA B 207 -14.10 -0.12 -4.40
CA ALA B 207 -15.51 0.17 -4.66
C ALA B 207 -15.69 1.51 -5.38
N ALA B 208 -15.06 2.55 -4.87
CA ALA B 208 -15.18 3.88 -5.48
C ALA B 208 -14.62 3.89 -6.90
N SER B 209 -13.52 3.19 -7.11
CA SER B 209 -12.91 3.12 -8.43
C SER B 209 -13.84 2.48 -9.46
N VAL B 210 -14.31 1.27 -9.18
CA VAL B 210 -15.17 0.61 -10.15
C VAL B 210 -16.54 1.28 -10.30
N ALA B 211 -17.06 1.85 -9.22
CA ALA B 211 -18.37 2.51 -9.28
C ALA B 211 -18.34 3.80 -10.08
N SER B 212 -17.27 4.58 -9.95
CA SER B 212 -17.16 5.83 -10.68
C SER B 212 -16.89 5.55 -12.16
N LEU B 213 -16.02 4.60 -12.46
CA LEU B 213 -15.73 4.28 -13.85
C LEU B 213 -16.97 3.78 -14.59
N THR B 214 -17.76 2.92 -13.96
CA THR B 214 -18.94 2.35 -14.60
C THR B 214 -20.24 3.12 -14.40
N ASN B 215 -20.14 4.30 -13.80
CA ASN B 215 -21.29 5.15 -13.54
C ASN B 215 -22.46 4.45 -12.81
N ILE B 216 -22.16 3.90 -11.64
CA ILE B 216 -23.20 3.22 -10.85
C ILE B 216 -23.26 3.78 -9.42
N ILE B 217 -22.70 4.97 -9.23
CA ILE B 217 -22.72 5.58 -7.91
C ILE B 217 -24.08 6.18 -7.57
N THR B 218 -24.58 5.84 -6.38
CA THR B 218 -25.85 6.38 -5.92
C THR B 218 -25.50 7.28 -4.74
N PRO B 219 -26.43 8.16 -4.35
CA PRO B 219 -26.17 9.06 -3.22
C PRO B 219 -25.87 8.36 -1.90
N ASP B 220 -26.50 7.22 -1.63
CA ASP B 220 -26.25 6.52 -0.38
C ASP B 220 -25.16 5.46 -0.40
N LEU B 221 -24.69 5.08 -1.60
CA LEU B 221 -23.66 4.06 -1.72
C LEU B 221 -22.44 4.37 -0.85
N PHE B 222 -21.94 5.60 -0.94
CA PHE B 222 -20.77 6.00 -0.17
C PHE B 222 -21.09 6.91 1.01
N GLU B 223 -22.33 6.83 1.47
CA GLU B 223 -22.76 7.62 2.61
C GLU B 223 -21.94 7.18 3.82
N GLY B 224 -21.25 8.13 4.45
CA GLY B 224 -20.44 7.83 5.61
C GLY B 224 -19.00 7.36 5.32
N THR B 225 -18.75 6.95 4.08
CA THR B 225 -17.44 6.47 3.67
C THR B 225 -16.30 7.49 3.87
N ALA B 226 -16.50 8.73 3.42
CA ALA B 226 -15.48 9.76 3.57
C ALA B 226 -15.07 9.94 5.04
N GLU B 227 -16.06 9.94 5.94
CA GLU B 227 -15.79 10.09 7.37
C GLU B 227 -14.99 8.91 7.91
N TRP B 228 -15.34 7.69 7.47
CA TRP B 228 -14.64 6.50 7.92
C TRP B 228 -13.18 6.54 7.48
N ILE B 229 -12.94 6.95 6.24
CA ILE B 229 -11.59 7.03 5.72
C ILE B 229 -10.76 8.01 6.52
N ALA B 230 -11.35 9.16 6.85
CA ALA B 230 -10.64 10.17 7.62
C ALA B 230 -10.22 9.61 8.99
N ARG B 231 -11.04 8.75 9.58
CA ARG B 231 -10.69 8.17 10.87
C ARG B 231 -9.45 7.28 10.76
N CYS B 232 -9.12 6.85 9.54
CA CYS B 232 -7.94 6.01 9.30
C CYS B 232 -6.65 6.82 9.21
N GLN B 233 -6.77 8.13 9.04
CA GLN B 233 -5.57 8.97 9.01
C GLN B 233 -5.13 9.00 10.47
N ASN B 234 -3.84 8.83 10.74
CA ASN B 234 -3.39 8.81 12.13
C ASN B 234 -2.46 9.95 12.50
N TRP B 235 -1.89 9.87 13.70
CA TRP B 235 -0.98 10.88 14.22
C TRP B 235 0.21 11.18 13.31
N GLU B 236 0.56 10.23 12.45
CA GLU B 236 1.69 10.39 11.53
C GLU B 236 1.37 11.28 10.33
N GLY B 237 0.09 11.34 9.97
CA GLY B 237 -0.32 12.14 8.83
C GLY B 237 -0.76 11.25 7.68
N GLY B 238 -0.23 10.03 7.66
CA GLY B 238 -0.58 9.07 6.63
C GLY B 238 -1.86 8.35 7.04
N ILE B 239 -2.23 7.31 6.29
CA ILE B 239 -3.45 6.56 6.56
C ILE B 239 -3.17 5.07 6.81
N GLY B 240 -3.82 4.50 7.82
CA GLY B 240 -3.63 3.09 8.13
C GLY B 240 -4.76 2.25 7.57
N GLY B 241 -4.61 0.93 7.59
CA GLY B 241 -5.64 0.04 7.07
C GLY B 241 -7.00 0.25 7.72
N VAL B 242 -7.01 0.50 9.03
CA VAL B 242 -8.24 0.75 9.79
C VAL B 242 -7.89 1.78 10.86
N PRO B 243 -8.90 2.43 11.46
CA PRO B 243 -8.63 3.42 12.50
C PRO B 243 -7.71 2.89 13.58
N GLY B 244 -6.68 3.68 13.93
CA GLY B 244 -5.74 3.29 14.96
C GLY B 244 -4.43 2.70 14.44
N MET B 245 -4.46 2.11 13.26
CA MET B 245 -3.28 1.47 12.70
C MET B 245 -2.23 2.39 12.06
N GLU B 246 -1.01 1.88 12.01
CA GLU B 246 0.15 2.59 11.44
C GLU B 246 -0.06 3.04 10.00
N ALA B 247 0.42 4.24 9.70
CA ALA B 247 0.31 4.80 8.36
C ALA B 247 1.16 4.01 7.37
N HIS B 248 0.55 3.66 6.24
CA HIS B 248 1.25 2.91 5.20
C HIS B 248 0.90 3.43 3.81
N GLY B 249 1.90 3.47 2.94
CA GLY B 249 1.70 3.97 1.58
C GLY B 249 0.56 3.28 0.83
N GLY B 250 0.47 1.96 0.98
CA GLY B 250 -0.58 1.22 0.31
C GLY B 250 -1.97 1.71 0.70
N TYR B 251 -2.23 1.79 2.00
CA TYR B 251 -3.52 2.23 2.52
C TYR B 251 -3.73 3.73 2.32
N THR B 252 -2.66 4.51 2.37
CA THR B 252 -2.77 5.95 2.19
C THR B 252 -3.16 6.27 0.74
N PHE B 253 -2.58 5.55 -0.21
CA PHE B 253 -2.95 5.78 -1.60
C PHE B 253 -4.44 5.47 -1.75
N CYS B 254 -4.85 4.30 -1.27
CA CYS B 254 -6.26 3.90 -1.37
C CYS B 254 -7.19 4.94 -0.75
N GLY B 255 -6.82 5.42 0.43
CA GLY B 255 -7.64 6.40 1.12
C GLY B 255 -7.81 7.73 0.41
N LEU B 256 -6.70 8.33 0.00
CA LEU B 256 -6.80 9.63 -0.67
C LEU B 256 -7.44 9.51 -2.05
N ALA B 257 -7.09 8.46 -2.78
CA ALA B 257 -7.65 8.25 -4.12
C ALA B 257 -9.17 8.08 -4.03
N ALA B 258 -9.64 7.36 -3.02
CA ALA B 258 -11.06 7.15 -2.84
C ALA B 258 -11.75 8.49 -2.54
N LEU B 259 -11.14 9.29 -1.68
CA LEU B 259 -11.70 10.60 -1.34
C LEU B 259 -11.71 11.55 -2.54
N VAL B 260 -10.71 11.43 -3.40
CA VAL B 260 -10.67 12.29 -4.59
C VAL B 260 -11.88 11.94 -5.47
N ILE B 261 -12.16 10.65 -5.59
CA ILE B 261 -13.30 10.20 -6.40
C ILE B 261 -14.61 10.74 -5.81
N LEU B 262 -14.71 10.71 -4.49
CA LEU B 262 -15.90 11.20 -3.79
C LEU B 262 -15.91 12.72 -3.62
N LYS B 263 -14.82 13.37 -4.04
CA LYS B 263 -14.67 14.82 -3.92
C LYS B 263 -14.78 15.23 -2.45
N ARG B 264 -14.14 14.47 -1.58
CA ARG B 264 -14.15 14.76 -0.15
C ARG B 264 -12.73 14.80 0.44
N GLU B 265 -11.76 15.20 -0.38
CA GLU B 265 -10.36 15.26 0.08
C GLU B 265 -10.20 16.11 1.34
N ARG B 266 -10.97 17.18 1.44
CA ARG B 266 -10.89 18.07 2.59
C ARG B 266 -11.24 17.43 3.92
N SER B 267 -11.73 16.19 3.89
CA SER B 267 -12.07 15.51 5.14
C SER B 267 -10.79 15.15 5.88
N LEU B 268 -9.67 15.20 5.17
CA LEU B 268 -8.37 14.88 5.77
C LEU B 268 -7.58 16.12 6.11
N ASN B 269 -6.53 15.94 6.90
CA ASN B 269 -5.63 17.02 7.24
C ASN B 269 -4.62 16.86 6.10
N LEU B 270 -4.79 17.63 5.02
CA LEU B 270 -3.88 17.51 3.88
C LEU B 270 -2.46 17.95 4.19
N LYS B 271 -2.29 18.81 5.19
CA LYS B 271 -0.97 19.28 5.57
C LYS B 271 -0.15 18.15 6.19
N SER B 272 -0.72 17.46 7.18
CA SER B 272 0.00 16.38 7.82
C SER B 272 0.26 15.23 6.85
N LEU B 273 -0.66 15.03 5.91
CA LEU B 273 -0.51 13.96 4.93
C LEU B 273 0.63 14.30 3.97
N LEU B 274 0.67 15.54 3.52
CA LEU B 274 1.72 15.97 2.60
C LEU B 274 3.09 15.82 3.25
N GLN B 275 3.23 16.28 4.48
CA GLN B 275 4.51 16.18 5.17
C GLN B 275 4.90 14.72 5.37
N TRP B 276 3.91 13.88 5.67
CA TRP B 276 4.18 12.46 5.88
C TRP B 276 4.69 11.77 4.61
N VAL B 277 3.95 11.90 3.50
CA VAL B 277 4.38 11.22 2.27
C VAL B 277 5.73 11.71 1.73
N THR B 278 5.95 13.02 1.75
CA THR B 278 7.24 13.52 1.26
C THR B 278 8.38 12.97 2.12
N SER B 279 8.10 12.71 3.39
CA SER B 279 9.12 12.18 4.30
C SER B 279 9.43 10.71 3.99
N ARG B 280 8.56 10.05 3.24
CA ARG B 280 8.75 8.65 2.90
C ARG B 280 9.76 8.42 1.76
N GLN B 281 10.21 9.49 1.11
CA GLN B 281 11.20 9.33 0.05
C GLN B 281 12.54 9.22 0.77
N MET B 282 13.33 8.20 0.42
CA MET B 282 14.62 7.96 1.07
C MET B 282 15.72 8.88 0.55
N ARG B 283 16.28 9.67 1.46
CA ARG B 283 17.34 10.61 1.09
C ARG B 283 18.50 9.97 0.33
N PHE B 284 18.83 8.72 0.66
CA PHE B 284 19.95 8.08 -0.04
C PHE B 284 19.55 7.28 -1.27
N GLU B 285 18.64 6.33 -1.11
CA GLU B 285 18.21 5.48 -2.22
C GLU B 285 17.44 6.23 -3.31
N GLY B 286 16.66 7.24 -2.93
CA GLY B 286 15.90 7.99 -3.91
C GLY B 286 14.49 7.44 -4.11
N GLY B 287 14.28 6.17 -3.77
CA GLY B 287 12.96 5.58 -3.90
C GLY B 287 12.15 5.86 -2.64
N PHE B 288 10.99 5.23 -2.54
CA PHE B 288 10.12 5.42 -1.37
C PHE B 288 10.00 4.17 -0.49
N GLN B 289 9.79 4.38 0.81
CA GLN B 289 9.58 3.29 1.76
C GLN B 289 8.06 3.23 1.98
N GLY B 290 7.56 2.13 2.53
CA GLY B 290 6.12 2.00 2.74
C GLY B 290 5.61 2.64 4.02
N ARG B 291 6.48 2.69 5.02
CA ARG B 291 6.16 3.30 6.30
C ARG B 291 7.46 3.72 6.96
N CYS B 292 7.37 4.65 7.89
CA CYS B 292 8.56 5.15 8.57
C CYS B 292 9.41 4.03 9.15
N ASN B 293 10.71 4.17 8.94
CA ASN B 293 11.70 3.21 9.42
C ASN B 293 11.69 1.81 8.84
N LYS B 294 11.12 1.66 7.65
CA LYS B 294 11.16 0.37 6.98
C LYS B 294 11.95 0.59 5.69
N LEU B 295 12.02 -0.41 4.82
CA LEU B 295 12.85 -0.31 3.62
C LEU B 295 12.29 0.25 2.32
N VAL B 296 13.19 0.76 1.49
CA VAL B 296 12.85 1.32 0.18
C VAL B 296 12.30 0.15 -0.64
N ASP B 297 11.39 0.45 -1.56
CA ASP B 297 10.79 -0.59 -2.40
C ASP B 297 10.24 0.04 -3.67
N GLY B 298 10.63 -0.50 -4.81
CA GLY B 298 10.19 0.02 -6.09
C GLY B 298 8.69 0.21 -6.29
N CYS B 299 7.85 -0.66 -5.75
CA CYS B 299 6.42 -0.50 -5.97
C CYS B 299 5.86 0.77 -5.31
N TYR B 300 6.51 1.24 -4.24
CA TYR B 300 6.04 2.45 -3.59
C TYR B 300 6.28 3.66 -4.50
N SER B 301 6.95 3.43 -5.64
CA SER B 301 7.18 4.48 -6.60
C SER B 301 5.80 4.96 -7.04
N PHE B 302 4.82 4.06 -6.96
CA PHE B 302 3.46 4.42 -7.32
C PHE B 302 2.61 4.73 -6.09
N TRP B 303 2.51 3.78 -5.16
CA TRP B 303 1.67 3.97 -3.98
C TRP B 303 1.96 5.26 -3.22
N GLN B 304 3.23 5.61 -3.05
CA GLN B 304 3.60 6.83 -2.32
C GLN B 304 3.70 8.05 -3.23
N ALA B 305 4.57 7.97 -4.24
CA ALA B 305 4.76 9.10 -5.15
C ALA B 305 3.46 9.48 -5.83
N GLY B 306 2.58 8.50 -6.03
CA GLY B 306 1.29 8.75 -6.65
C GLY B 306 0.41 9.67 -5.82
N LEU B 307 0.72 9.80 -4.53
CA LEU B 307 -0.06 10.68 -3.65
C LEU B 307 0.20 12.16 -3.95
N LEU B 308 1.35 12.47 -4.52
CA LEU B 308 1.66 13.87 -4.79
C LEU B 308 0.81 14.49 -5.90
N PRO B 309 0.53 13.74 -6.99
CA PRO B 309 -0.31 14.37 -8.01
C PRO B 309 -1.71 14.57 -7.42
N LEU B 310 -2.12 13.62 -6.57
CA LEU B 310 -3.45 13.71 -5.94
C LEU B 310 -3.52 14.90 -4.99
N LEU B 311 -2.46 15.10 -4.19
CA LEU B 311 -2.40 16.23 -3.27
C LEU B 311 -2.35 17.53 -4.06
N HIS B 312 -1.62 17.53 -5.17
CA HIS B 312 -1.50 18.72 -6.01
C HIS B 312 -2.88 19.17 -6.49
N ARG B 313 -3.66 18.23 -7.01
CA ARG B 313 -4.99 18.52 -7.50
C ARG B 313 -5.90 18.99 -6.38
N ALA B 314 -5.81 18.34 -5.22
CA ALA B 314 -6.63 18.69 -4.07
C ALA B 314 -6.34 20.11 -3.60
N LEU B 315 -5.06 20.47 -3.50
CA LEU B 315 -4.68 21.80 -3.07
C LEU B 315 -5.03 22.83 -4.14
N HIS B 316 -4.84 22.46 -5.40
CA HIS B 316 -5.15 23.35 -6.52
C HIS B 316 -6.63 23.70 -6.52
N ALA B 317 -7.48 22.73 -6.19
CA ALA B 317 -8.92 22.95 -6.16
C ALA B 317 -9.26 23.98 -5.08
N GLN B 318 -8.42 24.05 -4.06
CA GLN B 318 -8.60 24.98 -2.95
C GLN B 318 -8.02 26.37 -3.24
N GLY B 319 -7.35 26.52 -4.37
CA GLY B 319 -6.77 27.80 -4.73
C GLY B 319 -5.42 28.11 -4.08
N ASP B 320 -4.67 27.07 -3.73
CA ASP B 320 -3.36 27.24 -3.11
C ASP B 320 -2.44 28.05 -4.04
N PRO B 321 -2.13 29.30 -3.67
CA PRO B 321 -1.25 30.15 -4.50
C PRO B 321 0.23 29.77 -4.51
N ALA B 322 0.64 28.87 -3.63
CA ALA B 322 2.05 28.49 -3.55
C ALA B 322 2.43 27.22 -4.31
N LEU B 323 1.44 26.52 -4.86
CA LEU B 323 1.71 25.29 -5.61
C LEU B 323 2.61 25.52 -6.83
N SER B 324 3.46 24.54 -7.11
CA SER B 324 4.34 24.62 -8.26
C SER B 324 3.54 24.43 -9.55
N MET B 325 4.03 25.01 -10.64
CA MET B 325 3.34 24.86 -11.92
C MET B 325 4.21 24.03 -12.86
N SER B 326 5.21 23.36 -12.31
CA SER B 326 6.10 22.56 -13.13
C SER B 326 6.57 21.23 -12.52
N HIS B 327 6.47 21.08 -11.19
CA HIS B 327 6.91 19.86 -10.53
C HIS B 327 6.00 19.33 -9.42
N TRP B 328 6.06 18.02 -9.19
CA TRP B 328 5.31 17.37 -8.12
C TRP B 328 6.17 17.64 -6.90
N MET B 329 5.59 17.58 -5.71
CA MET B 329 6.35 17.84 -4.51
C MET B 329 7.18 16.68 -3.95
N PHE B 330 8.01 16.10 -4.81
CA PHE B 330 8.92 15.04 -4.40
C PHE B 330 10.08 15.12 -5.40
N HIS B 331 11.18 14.44 -5.11
CA HIS B 331 12.33 14.51 -6.01
C HIS B 331 12.11 13.57 -7.20
N GLN B 332 11.59 14.13 -8.28
CA GLN B 332 11.30 13.38 -9.48
C GLN B 332 12.53 12.69 -10.10
N GLN B 333 13.66 13.40 -10.11
CA GLN B 333 14.87 12.82 -10.69
C GLN B 333 15.40 11.65 -9.86
N ALA B 334 15.47 11.85 -8.54
CA ALA B 334 15.97 10.80 -7.66
C ALA B 334 15.13 9.52 -7.79
N LEU B 335 13.81 9.66 -7.90
CA LEU B 335 12.97 8.48 -8.04
C LEU B 335 13.27 7.76 -9.35
N GLN B 336 13.43 8.53 -10.42
CA GLN B 336 13.73 7.92 -11.71
C GLN B 336 15.09 7.22 -11.65
N GLU B 337 16.03 7.81 -10.91
CA GLU B 337 17.35 7.22 -10.76
C GLU B 337 17.27 5.89 -10.02
N TYR B 338 16.46 5.85 -8.96
CA TYR B 338 16.32 4.61 -8.19
C TYR B 338 15.70 3.51 -9.05
N ILE B 339 14.61 3.83 -9.73
CA ILE B 339 13.94 2.86 -10.57
C ILE B 339 14.82 2.34 -11.72
N LEU B 340 15.39 3.27 -12.49
CA LEU B 340 16.22 2.88 -13.63
C LEU B 340 17.51 2.15 -13.27
N MET B 341 18.20 2.58 -12.23
CA MET B 341 19.45 1.93 -11.83
C MET B 341 19.31 0.73 -10.90
N CYS B 342 18.30 0.72 -10.04
CA CYS B 342 18.16 -0.36 -9.08
C CYS B 342 16.99 -1.33 -9.21
N CYS B 343 15.98 -0.99 -10.01
CA CYS B 343 14.80 -1.85 -10.11
C CYS B 343 14.55 -2.59 -11.41
N GLN B 344 15.53 -2.62 -12.30
CA GLN B 344 15.37 -3.32 -13.57
C GLN B 344 16.07 -4.68 -13.59
N CYS B 345 15.34 -5.73 -13.92
CA CYS B 345 15.93 -7.05 -14.02
C CYS B 345 16.56 -7.13 -15.40
N PRO B 346 17.84 -7.51 -15.49
CA PRO B 346 18.53 -7.63 -16.78
C PRO B 346 17.74 -8.45 -17.80
N ALA B 347 17.06 -9.50 -17.33
CA ALA B 347 16.29 -10.38 -18.20
C ALA B 347 14.89 -9.86 -18.54
N GLY B 348 14.56 -8.66 -18.05
CA GLY B 348 13.24 -8.11 -18.32
C GLY B 348 12.40 -8.12 -17.06
N GLY B 349 11.54 -7.11 -16.90
CA GLY B 349 10.71 -7.03 -15.72
C GLY B 349 11.39 -6.14 -14.68
N LEU B 350 10.63 -5.64 -13.72
CA LEU B 350 11.20 -4.79 -12.68
C LEU B 350 10.94 -5.37 -11.30
N LEU B 351 11.54 -4.77 -10.28
CA LEU B 351 11.38 -5.30 -8.94
C LEU B 351 11.47 -4.33 -7.77
N ASP B 352 11.38 -4.90 -6.58
CA ASP B 352 11.41 -4.20 -5.30
C ASP B 352 12.74 -3.49 -5.05
N LYS B 353 13.82 -4.26 -4.99
CA LYS B 353 15.15 -3.70 -4.77
C LYS B 353 16.19 -4.69 -5.28
N PRO B 354 17.44 -4.25 -5.46
CA PRO B 354 18.48 -5.17 -5.94
C PRO B 354 18.53 -6.43 -5.09
N GLY B 355 18.63 -7.58 -5.73
CA GLY B 355 18.69 -8.83 -4.99
C GLY B 355 17.36 -9.57 -4.94
N LYS B 356 16.28 -8.86 -5.25
CA LYS B 356 14.95 -9.47 -5.25
C LYS B 356 14.65 -9.99 -6.65
N SER B 357 13.70 -10.89 -6.76
CA SER B 357 13.35 -11.43 -8.06
C SER B 357 12.22 -10.62 -8.68
N ARG B 358 12.17 -10.60 -10.01
CA ARG B 358 11.15 -9.87 -10.74
C ARG B 358 9.77 -10.52 -10.57
N ASP B 359 8.74 -9.73 -10.76
CA ASP B 359 7.36 -10.21 -10.71
C ASP B 359 6.52 -9.17 -11.42
N PHE B 360 5.33 -9.56 -11.87
CA PHE B 360 4.49 -8.63 -12.60
C PHE B 360 3.94 -7.48 -11.77
N TYR B 361 3.78 -7.72 -10.47
CA TYR B 361 3.28 -6.68 -9.57
C TYR B 361 4.29 -5.52 -9.55
N HIS B 362 5.56 -5.82 -9.29
CA HIS B 362 6.56 -4.78 -9.25
C HIS B 362 6.83 -4.18 -10.62
N THR B 363 6.63 -4.96 -11.67
CA THR B 363 6.83 -4.43 -13.01
C THR B 363 5.79 -3.34 -13.25
N CYS B 364 4.54 -3.64 -12.89
CA CYS B 364 3.46 -2.68 -13.05
C CYS B 364 3.65 -1.41 -12.25
N TYR B 365 3.89 -1.54 -10.95
CA TYR B 365 4.03 -0.34 -10.12
C TYR B 365 5.33 0.45 -10.27
N CYS B 366 6.42 -0.21 -10.64
CA CYS B 366 7.67 0.52 -10.85
C CYS B 366 7.49 1.40 -12.09
N LEU B 367 6.88 0.82 -13.13
CA LEU B 367 6.65 1.58 -14.37
C LEU B 367 5.63 2.68 -14.14
N SER B 368 4.58 2.37 -13.38
CA SER B 368 3.56 3.38 -13.10
C SER B 368 4.20 4.56 -12.38
N GLY B 369 5.09 4.24 -11.43
CA GLY B 369 5.77 5.29 -10.69
C GLY B 369 6.73 6.10 -11.55
N LEU B 370 7.44 5.41 -12.45
CA LEU B 370 8.37 6.08 -13.34
C LEU B 370 7.61 7.10 -14.19
N SER B 371 6.44 6.71 -14.69
CA SER B 371 5.62 7.60 -15.52
C SER B 371 5.19 8.85 -14.74
N ILE B 372 4.76 8.67 -13.50
CA ILE B 372 4.35 9.79 -12.67
C ILE B 372 5.52 10.74 -12.45
N ALA B 373 6.70 10.18 -12.23
CA ALA B 373 7.90 10.97 -12.00
C ALA B 373 8.35 11.75 -13.24
N GLN B 374 8.02 11.24 -14.42
CA GLN B 374 8.41 11.90 -15.67
C GLN B 374 7.43 13.00 -16.10
N HIS B 375 6.16 12.85 -15.74
CA HIS B 375 5.15 13.80 -16.19
C HIS B 375 4.38 14.61 -15.16
N PHE B 376 4.47 15.93 -15.29
CA PHE B 376 3.73 16.82 -14.43
C PHE B 376 2.66 17.47 -15.29
N GLY B 377 1.46 17.59 -14.73
CA GLY B 377 0.37 18.20 -15.46
C GLY B 377 -0.60 18.85 -14.50
N SER B 378 -0.93 20.11 -14.76
CA SER B 378 -1.86 20.85 -13.92
C SER B 378 -2.46 21.99 -14.74
N GLY B 379 -3.77 21.94 -14.94
CA GLY B 379 -4.41 22.98 -15.74
C GLY B 379 -3.93 22.84 -17.16
N ALA B 380 -3.45 23.94 -17.74
CA ALA B 380 -2.95 23.91 -19.10
C ALA B 380 -1.44 23.74 -19.09
N MET B 381 -0.88 23.57 -17.90
CA MET B 381 0.56 23.43 -17.74
C MET B 381 1.04 21.98 -17.79
N LEU B 382 2.02 21.72 -18.65
CA LEU B 382 2.60 20.40 -18.80
C LEU B 382 4.12 20.56 -18.75
N HIS B 383 4.79 19.78 -17.91
CA HIS B 383 6.24 19.85 -17.80
C HIS B 383 6.82 18.45 -17.59
N ASP B 384 7.58 17.98 -18.58
CA ASP B 384 8.18 16.66 -18.53
C ASP B 384 9.64 16.67 -18.12
N VAL B 385 10.02 15.61 -17.41
CA VAL B 385 11.40 15.43 -16.94
C VAL B 385 11.75 13.97 -17.20
N VAL B 386 12.17 13.67 -18.42
CA VAL B 386 12.53 12.31 -18.78
C VAL B 386 14.03 12.10 -18.65
N LEU B 387 14.44 11.47 -17.56
CA LEU B 387 15.85 11.20 -17.30
C LEU B 387 16.36 10.12 -18.25
N GLY B 388 17.59 10.28 -18.75
CA GLY B 388 18.18 9.30 -19.64
C GLY B 388 17.88 9.50 -21.11
N VAL B 389 17.97 8.42 -21.88
CA VAL B 389 17.68 8.52 -23.31
C VAL B 389 16.21 8.88 -23.45
N PRO B 390 15.87 9.73 -24.44
CA PRO B 390 14.48 10.15 -24.66
C PRO B 390 13.46 9.03 -24.81
N GLU B 391 13.91 7.88 -25.30
CA GLU B 391 13.03 6.72 -25.47
C GLU B 391 12.50 6.19 -24.13
N ASN B 392 13.05 6.69 -23.03
CA ASN B 392 12.61 6.25 -21.71
C ASN B 392 11.21 6.76 -21.38
N ALA B 393 10.77 7.82 -22.06
CA ALA B 393 9.45 8.41 -21.82
C ALA B 393 8.34 7.38 -21.92
N LEU B 394 7.54 7.28 -20.86
CA LEU B 394 6.43 6.35 -20.83
C LEU B 394 5.12 7.11 -21.07
N GLN B 395 4.07 6.37 -21.38
CA GLN B 395 2.76 6.98 -21.57
C GLN B 395 2.30 7.42 -20.18
N PRO B 396 1.52 8.50 -20.10
CA PRO B 396 1.05 8.96 -18.80
C PRO B 396 0.06 7.99 -18.15
N THR B 397 -0.12 8.11 -16.83
CA THR B 397 -1.06 7.26 -16.13
C THR B 397 -1.92 8.15 -15.23
N HIS B 398 -3.19 7.77 -15.05
CA HIS B 398 -4.09 8.54 -14.21
C HIS B 398 -3.75 8.22 -12.76
N PRO B 399 -3.48 9.24 -11.93
CA PRO B 399 -3.13 9.05 -10.52
C PRO B 399 -4.18 8.40 -9.64
N VAL B 400 -5.45 8.50 -10.02
CA VAL B 400 -6.51 7.90 -9.23
C VAL B 400 -6.72 6.42 -9.58
N TYR B 401 -6.93 6.13 -10.87
CA TYR B 401 -7.20 4.77 -11.32
C TYR B 401 -6.00 3.92 -11.75
N ASN B 402 -4.91 4.60 -12.09
CA ASN B 402 -3.69 3.97 -12.56
C ASN B 402 -3.86 3.16 -13.85
N ILE B 403 -4.51 3.80 -14.81
CA ILE B 403 -4.68 3.28 -16.16
C ILE B 403 -4.52 4.59 -16.96
N GLY B 404 -4.25 4.49 -18.25
CA GLY B 404 -4.07 5.70 -19.04
C GLY B 404 -5.21 6.71 -18.91
N PRO B 405 -4.90 8.03 -18.87
CA PRO B 405 -5.90 9.08 -18.74
C PRO B 405 -6.91 8.99 -19.88
N ASP B 406 -6.41 8.63 -21.07
CA ASP B 406 -7.25 8.48 -22.24
C ASP B 406 -8.28 7.37 -21.99
N LYS B 407 -7.83 6.30 -21.34
CA LYS B 407 -8.70 5.17 -21.04
C LYS B 407 -9.78 5.57 -20.04
N VAL B 408 -9.42 6.41 -19.06
CA VAL B 408 -10.38 6.87 -18.07
C VAL B 408 -11.50 7.68 -18.73
N ILE B 409 -11.12 8.67 -19.52
CA ILE B 409 -12.09 9.52 -20.21
C ILE B 409 -13.00 8.71 -21.12
N GLN B 410 -12.42 7.78 -21.87
CA GLN B 410 -13.18 6.96 -22.78
C GLN B 410 -14.19 6.06 -22.06
N ALA B 411 -13.78 5.45 -20.95
CA ALA B 411 -14.67 4.59 -20.20
C ALA B 411 -15.79 5.40 -19.53
N THR B 412 -15.41 6.46 -18.82
CA THR B 412 -16.41 7.28 -18.15
C THR B 412 -17.42 7.85 -19.13
N THR B 413 -16.94 8.28 -20.29
CA THR B 413 -17.84 8.83 -21.31
C THR B 413 -18.83 7.75 -21.76
N TYR B 414 -18.31 6.56 -22.01
CA TYR B 414 -19.15 5.46 -22.45
C TYR B 414 -20.23 5.10 -21.42
N PHE B 415 -19.81 4.84 -20.19
CA PHE B 415 -20.75 4.46 -19.15
C PHE B 415 -21.68 5.57 -18.69
N LEU B 416 -21.27 6.83 -18.87
CA LEU B 416 -22.13 7.95 -18.50
C LEU B 416 -23.36 7.99 -19.39
N GLN B 417 -23.31 7.29 -20.52
CA GLN B 417 -24.44 7.25 -21.44
C GLN B 417 -25.47 6.21 -21.01
N LYS B 418 -25.14 5.46 -19.97
CA LYS B 418 -26.05 4.45 -19.46
C LYS B 418 -26.58 4.96 -18.13
N PRO B 419 -27.79 4.53 -17.74
CA PRO B 419 -28.32 4.99 -16.46
C PRO B 419 -27.74 4.21 -15.29
N VAL B 420 -27.87 4.76 -14.09
CA VAL B 420 -27.41 4.07 -12.90
C VAL B 420 -28.46 2.98 -12.72
N PRO B 421 -28.03 1.72 -12.58
CA PRO B 421 -28.92 0.56 -12.42
C PRO B 421 -30.07 0.75 -11.41
N GLY B 422 -31.30 0.68 -11.92
CA GLY B 422 -32.46 0.83 -11.05
C GLY B 422 -32.55 2.22 -10.46
N PHE B 423 -31.77 3.12 -11.04
CA PHE B 423 -31.69 4.53 -10.64
C PHE B 423 -31.16 4.67 -9.21
C1 GLC C . -5.81 11.53 13.44
C2 GLC C . -6.50 10.31 14.10
C3 GLC C . -7.04 10.83 15.58
C4 GLC C . -5.82 11.29 16.43
C5 GLC C . -5.00 12.40 15.66
C6 GLC C . -3.65 12.76 16.30
O2 GLC C . -7.63 9.88 13.33
O3 GLC C . -7.65 9.69 16.19
O4 GLC C . -6.32 11.77 17.69
O5 GLC C . -4.69 11.95 14.29
O6 GLC C . -3.08 13.89 15.64
C1 FRU C . -7.82 12.79 11.05
C2 FRU C . -6.79 13.43 12.04
C3 FRU C . -6.94 14.95 12.27
C4 FRU C . -5.51 15.38 12.58
C5 FRU C . -4.68 14.50 11.61
C6 FRU C . -3.27 14.09 12.09
O1 FRU C . -7.91 13.44 9.78
O2 FRU C . -6.74 12.65 13.28
O3 FRU C . -7.84 15.30 13.35
O4 FRU C . -5.33 16.78 12.41
O5 FRU C . -5.48 13.31 11.40
O6 FRU C . -2.48 13.69 10.97
ZN ZN D . 7.06 -3.87 -3.35
C1 FPP E . 2.83 -4.53 4.71
O1 FPP E . 3.63 -5.50 4.04
C2 FPP E . 1.82 -3.93 3.75
C3 FPP E . 0.47 -4.16 3.77
C4 FPP E . -0.19 -5.06 4.78
C5 FPP E . -0.51 -3.54 2.79
C6 FPP E . 0.14 -2.86 1.57
C7 FPP E . -0.87 -2.39 0.54
C8 FPP E . -0.56 -2.00 -0.72
C10 FPP E . 0.86 -1.97 -1.26
C9 FPP E . -1.58 -1.53 -1.74
C11 FPP E . -2.97 -2.18 -1.66
C12 FPP E . -3.91 -1.61 -2.69
C13 FPP E . -4.88 -2.29 -3.34
C14 FPP E . -5.16 -3.76 -3.13
C15 FPP E . -5.77 -1.64 -4.35
PA FPP E . 5.18 -5.49 4.33
O1A FPP E . 5.52 -5.48 5.80
O2A FPP E . 5.74 -6.74 3.60
O3A FPP E . 5.83 -4.23 3.57
PB FPP E . 6.69 -3.02 4.12
O1B FPP E . 7.90 -3.46 4.89
O2B FPP E . 5.70 -2.19 4.98
O3B FPP E . 7.06 -2.22 2.86
C1 BNE F . -2.54 -9.21 -4.32
C2 BNE F . -2.32 -7.63 -4.47
C3 BNE F . -2.25 -9.78 -2.84
C4 BNE F . -4.03 -9.53 -4.82
C5 BNE F . -1.56 -10.01 -5.28
C6 BNE F . -1.64 -6.91 -3.46
C7 BNE F . -2.78 -6.86 -5.61
N8 BNE F . -3.07 -9.43 -1.73
O9 BNE F . -1.27 -10.54 -2.66
C10 BNE F . -5.23 -8.85 -4.12
C11 BNE F . -0.09 -9.56 -5.31
C12 BNE F . -1.39 -5.50 -3.52
C13 BNE F . -2.54 -5.44 -5.67
C14 BNE F . -4.28 -8.61 -1.75
C15 BNE F . -2.74 -9.96 -0.40
C16 BNE F . -5.38 -9.19 -2.63
O17 BNE F . -0.70 -4.86 -2.46
C18 BNE F . -1.84 -4.76 -4.63
C19 BNE F . -0.10 -5.70 -1.48
C20 BNE F . -0.78 -6.11 -0.28
C21 BNE F . 1.22 -6.16 -1.74
C22 BNE F . -0.11 -6.95 0.63
C23 BNE F . -2.14 -5.76 -0.02
C24 BNE F . 1.90 -7.03 -0.82
C25 BNE F . 1.20 -7.41 0.37
N26 BNE F . -3.26 -5.50 0.13
C27 BNE F . 3.34 -7.53 -1.10
C28 BNE F . 4.34 -6.41 -1.36
C29 BNE F . 3.36 -8.51 -2.32
N30 BNE F . 3.82 -8.26 0.08
N31 BNE F . 4.56 -5.31 -0.54
C32 BNE F . 5.23 -6.20 -2.42
C33 BNE F . 5.51 -4.57 -1.15
C34 BNE F . 3.98 -4.91 0.73
NZ BNE F . 5.96 -5.06 -2.30
#